data_6UBP
#
_entry.id   6UBP
#
_cell.length_a   86.944
_cell.length_b   97.727
_cell.length_c   130.628
_cell.angle_alpha   90.000
_cell.angle_beta   90.000
_cell.angle_gamma   90.000
#
_symmetry.space_group_name_H-M   'P 21 21 21'
#
loop_
_entity.id
_entity.type
_entity.pdbx_description
1 polymer 'Indoleamine 2,3-dioxygenase 1'
2 non-polymer 'PROTOPORPHYRIN IX CONTAINING FE'
3 non-polymer TRYPTOPHAN
4 non-polymer 'CARBON MONOXIDE'
5 water water
#
_entity_poly.entity_id   1
_entity_poly.type   'polypeptide(L)'
_entity_poly.pdbx_seq_one_letter_code
;MSKEYHIDEEVGFALPNPQENLPDFYNDWMFIAKHLPDLIESGQLRERVEKLNMLSIDHLTDHKSQRLARLVLGCITMAY
VWGKGHGDVRKVLPRNIAVPYCQLSKKLELPPILVYADCVLANWKKKDPNKPLTYENMDVLFSFRDGDCSKGFFLVSLLV
EIAAASAIKVIPTVFKAMQMQERDTLLKALLEIASCLEKALQVFHQIHDHVNPKAFFSVLRIYLSGWKGNPQLSDGLVYE
GFWEDPKEFAGGSAGQSSVFQCFDVLLGIQQTAGGGHAAQFLQDMRRYMPPAHRNFLCSLESNPSVREFVLSKGDAGLRE
AYDACVKALVSLRSYHLQIVTKYILIPASQQPKENKTSEDPSKLEAKGTGGTDLMNFLKTVRSTTEKSLLKEGKGELNSK
LEGKPIPNPLLGLDSTRTGHHHHHH
;
_entity_poly.pdbx_strand_id   A,B
#
loop_
_chem_comp.id
_chem_comp.type
_chem_comp.name
_chem_comp.formula
CMO non-polymer 'CARBON MONOXIDE' 'C O'
HEM non-polymer 'PROTOPORPHYRIN IX CONTAINING FE' 'C34 H32 Fe N4 O4'
#
# COMPACT_ATOMS: atom_id res chain seq x y z
N SER A 2 14.60 -16.28 8.14
CA SER A 2 13.35 -15.66 7.59
C SER A 2 12.56 -16.72 6.79
N LYS A 3 12.16 -17.79 7.48
CA LYS A 3 11.54 -19.01 6.87
C LYS A 3 10.07 -18.75 6.54
N GLU A 4 9.33 -18.13 7.48
CA GLU A 4 7.89 -17.81 7.37
C GLU A 4 7.64 -16.78 6.26
N TYR A 5 8.64 -15.96 5.92
CA TYR A 5 8.54 -14.84 4.93
C TYR A 5 8.97 -15.30 3.53
N HIS A 6 9.29 -16.58 3.34
CA HIS A 6 9.72 -17.18 2.06
C HIS A 6 11.02 -16.52 1.56
N ILE A 7 11.95 -16.20 2.47
CA ILE A 7 13.31 -15.67 2.15
C ILE A 7 14.33 -16.80 2.36
N ASP A 8 15.10 -17.12 1.32
CA ASP A 8 16.18 -18.15 1.34
C ASP A 8 17.51 -17.45 1.63
N GLU A 9 18.40 -18.11 2.39
CA GLU A 9 19.72 -17.59 2.81
C GLU A 9 20.61 -17.40 1.56
N GLU A 10 20.51 -18.30 0.59
CA GLU A 10 21.41 -18.38 -0.59
C GLU A 10 20.92 -17.45 -1.71
N VAL A 11 19.62 -17.48 -2.03
CA VAL A 11 19.04 -16.83 -3.23
C VAL A 11 17.94 -15.81 -2.86
N GLY A 12 17.70 -15.58 -1.56
CA GLY A 12 16.82 -14.50 -1.07
C GLY A 12 15.38 -14.67 -1.54
N PHE A 13 14.88 -13.69 -2.31
CA PHE A 13 13.47 -13.59 -2.77
C PHE A 13 13.19 -14.64 -3.85
N ALA A 14 14.22 -15.09 -4.57
CA ALA A 14 14.12 -16.12 -5.64
C ALA A 14 13.63 -17.45 -5.05
N LEU A 15 12.85 -18.21 -5.82
CA LEU A 15 12.32 -19.55 -5.42
C LEU A 15 13.50 -20.52 -5.33
N PRO A 16 13.73 -21.18 -4.16
CA PRO A 16 15.02 -21.80 -3.86
C PRO A 16 15.54 -22.81 -4.89
N ASN A 17 14.66 -23.71 -5.38
CA ASN A 17 14.98 -24.64 -6.49
C ASN A 17 13.68 -25.10 -7.13
N PRO A 18 13.19 -24.40 -8.18
CA PRO A 18 11.84 -24.61 -8.70
C PRO A 18 11.67 -25.93 -9.46
N GLN A 19 10.44 -26.46 -9.46
CA GLN A 19 10.05 -27.64 -10.27
C GLN A 19 10.20 -27.31 -11.75
N GLU A 20 10.64 -28.28 -12.55
CA GLU A 20 10.93 -28.12 -14.01
C GLU A 20 9.81 -28.74 -14.84
N ASN A 21 8.84 -29.40 -14.20
CA ASN A 21 7.70 -30.09 -14.86
C ASN A 21 6.55 -30.27 -13.85
N LEU A 22 5.33 -30.46 -14.35
CA LEU A 22 4.07 -30.51 -13.57
C LEU A 22 3.58 -31.95 -13.46
N PRO A 23 2.60 -32.25 -12.57
CA PRO A 23 1.87 -33.51 -12.60
C PRO A 23 1.21 -33.72 -13.98
N ASP A 24 1.12 -34.97 -14.43
CA ASP A 24 0.83 -35.37 -15.83
C ASP A 24 -0.54 -34.85 -16.30
N PHE A 25 -1.49 -34.62 -15.38
CA PHE A 25 -2.86 -34.13 -15.69
C PHE A 25 -2.79 -32.81 -16.48
N TYR A 26 -1.69 -32.05 -16.34
CA TYR A 26 -1.46 -30.74 -16.99
C TYR A 26 -0.38 -30.83 -18.08
N ASN A 27 -0.40 -31.90 -18.88
CA ASN A 27 0.57 -32.11 -19.99
C ASN A 27 0.17 -31.24 -21.19
N ASP A 28 -1.14 -30.98 -21.35
CA ASP A 28 -1.69 -30.02 -22.35
C ASP A 28 -0.96 -28.68 -22.22
N TRP A 29 -0.88 -28.15 -21.00
CA TRP A 29 -0.27 -26.83 -20.67
C TRP A 29 1.23 -26.85 -20.96
N MET A 30 1.95 -27.80 -20.35
CA MET A 30 3.44 -27.91 -20.42
C MET A 30 3.90 -27.86 -21.88
N PHE A 31 3.23 -28.59 -22.78
CA PHE A 31 3.64 -28.76 -24.19
C PHE A 31 3.66 -27.41 -24.91
N ILE A 32 2.62 -26.58 -24.73
CA ILE A 32 2.46 -25.27 -25.42
C ILE A 32 3.55 -24.32 -24.89
N ALA A 33 3.70 -24.23 -23.57
CA ALA A 33 4.70 -23.40 -22.86
C ALA A 33 6.12 -23.80 -23.30
N LYS A 34 6.41 -25.11 -23.30
CA LYS A 34 7.73 -25.70 -23.65
C LYS A 34 8.16 -25.27 -25.06
N HIS A 35 7.22 -25.24 -26.01
CA HIS A 35 7.49 -25.06 -27.47
C HIS A 35 6.90 -23.74 -27.98
N LEU A 36 7.03 -22.65 -27.22
CA LEU A 36 6.50 -21.31 -27.59
C LEU A 36 7.25 -20.75 -28.81
N PRO A 37 8.60 -20.69 -28.81
CA PRO A 37 9.34 -19.98 -29.85
C PRO A 37 8.86 -20.22 -31.30
N ASP A 38 8.51 -21.47 -31.62
CA ASP A 38 8.11 -21.90 -32.99
C ASP A 38 6.58 -21.96 -33.10
N LEU A 39 5.86 -22.19 -31.98
CA LEU A 39 4.38 -22.14 -31.94
C LEU A 39 3.90 -20.72 -32.29
N ILE A 40 4.67 -19.70 -31.92
CA ILE A 40 4.35 -18.26 -32.20
C ILE A 40 4.56 -17.97 -33.70
N GLU A 41 5.69 -18.39 -34.27
CA GLU A 41 6.07 -18.15 -35.69
C GLU A 41 4.98 -18.66 -36.62
N SER A 42 4.59 -19.92 -36.46
CA SER A 42 3.38 -20.53 -37.08
C SER A 42 2.15 -20.00 -36.34
N GLY A 43 1.01 -19.87 -37.03
CA GLY A 43 -0.24 -19.32 -36.45
C GLY A 43 -0.94 -20.30 -35.52
N GLN A 44 -0.33 -21.48 -35.32
CA GLN A 44 -0.77 -22.58 -34.43
C GLN A 44 -1.24 -22.06 -33.07
N LEU A 45 -0.32 -21.39 -32.37
CA LEU A 45 -0.37 -21.08 -30.92
C LEU A 45 -1.81 -20.71 -30.53
N ARG A 46 -2.36 -19.65 -31.13
CA ARG A 46 -3.70 -19.10 -30.78
C ARG A 46 -4.76 -20.19 -30.99
N GLU A 47 -4.62 -21.03 -32.02
CA GLU A 47 -5.49 -22.22 -32.26
C GLU A 47 -5.28 -23.26 -31.14
N ARG A 48 -4.01 -23.60 -30.86
CA ARG A 48 -3.62 -24.63 -29.86
C ARG A 48 -4.11 -24.25 -28.46
N VAL A 49 -4.28 -22.94 -28.18
CA VAL A 49 -4.83 -22.42 -26.90
C VAL A 49 -6.37 -22.50 -26.95
N GLU A 50 -6.98 -22.12 -28.07
CA GLU A 50 -8.46 -22.00 -28.23
C GLU A 50 -9.11 -23.39 -28.10
N LYS A 51 -8.56 -24.39 -28.80
CA LYS A 51 -8.98 -25.82 -28.67
C LYS A 51 -8.13 -26.48 -27.58
N LEU A 52 -8.60 -26.42 -26.33
CA LEU A 52 -7.86 -26.89 -25.12
C LEU A 52 -8.86 -27.19 -24.01
N ASN A 53 -8.57 -28.19 -23.17
CA ASN A 53 -9.44 -28.62 -22.04
C ASN A 53 -9.49 -27.53 -20.97
N MET A 54 -10.61 -27.43 -20.26
CA MET A 54 -10.86 -26.47 -19.14
C MET A 54 -10.45 -27.15 -17.83
N LEU A 55 -9.14 -27.40 -17.67
CA LEU A 55 -8.53 -28.17 -16.55
C LEU A 55 -8.76 -27.45 -15.22
N SER A 56 -8.96 -28.22 -14.14
CA SER A 56 -9.06 -27.72 -12.74
C SER A 56 -7.67 -27.72 -12.10
N ILE A 57 -7.47 -26.92 -11.06
CA ILE A 57 -6.15 -26.66 -10.40
C ILE A 57 -6.04 -27.45 -9.10
N ASP A 58 -6.88 -28.49 -8.92
CA ASP A 58 -7.01 -29.25 -7.65
C ASP A 58 -5.86 -30.27 -7.51
N HIS A 59 -5.18 -30.60 -8.62
CA HIS A 59 -4.10 -31.61 -8.68
C HIS A 59 -2.72 -30.94 -8.58
N LEU A 60 -2.66 -29.68 -8.11
CA LEU A 60 -1.41 -28.93 -7.81
C LEU A 60 -1.20 -28.90 -6.30
N THR A 61 -0.37 -29.80 -5.78
CA THR A 61 -0.24 -30.13 -4.34
C THR A 61 0.49 -29.00 -3.59
N ASP A 62 1.78 -28.83 -3.86
CA ASP A 62 2.71 -27.97 -3.07
C ASP A 62 2.83 -26.59 -3.75
N HIS A 63 3.63 -25.69 -3.16
CA HIS A 63 3.85 -24.29 -3.61
C HIS A 63 4.52 -24.27 -4.99
N LYS A 64 5.65 -24.97 -5.13
CA LYS A 64 6.51 -24.98 -6.35
C LYS A 64 5.69 -25.47 -7.55
N SER A 65 4.70 -26.33 -7.33
CA SER A 65 3.73 -26.82 -8.35
C SER A 65 2.86 -25.65 -8.84
N GLN A 66 2.28 -24.89 -7.91
CA GLN A 66 1.35 -23.76 -8.19
C GLN A 66 2.11 -22.62 -8.86
N ARG A 67 3.40 -22.47 -8.56
CA ARG A 67 4.27 -21.39 -9.11
C ARG A 67 4.62 -21.70 -10.58
N LEU A 68 5.02 -22.94 -10.87
CA LEU A 68 5.34 -23.39 -12.25
C LEU A 68 4.08 -23.28 -13.11
N ALA A 69 2.92 -23.62 -12.53
CA ALA A 69 1.57 -23.46 -13.12
C ALA A 69 1.36 -21.99 -13.51
N ARG A 70 1.60 -21.07 -12.57
CA ARG A 70 1.52 -19.59 -12.76
C ARG A 70 2.45 -19.16 -13.90
N LEU A 71 3.69 -19.64 -13.89
CA LEU A 71 4.74 -19.33 -14.91
C LEU A 71 4.26 -19.83 -16.28
N VAL A 72 3.87 -21.10 -16.36
CA VAL A 72 3.42 -21.77 -17.62
C VAL A 72 2.19 -21.02 -18.18
N LEU A 73 1.13 -20.87 -17.37
CA LEU A 73 -0.11 -20.15 -17.74
C LEU A 73 0.23 -18.71 -18.11
N GLY A 74 1.05 -18.04 -17.28
CA GLY A 74 1.50 -16.65 -17.47
C GLY A 74 2.22 -16.47 -18.81
N CYS A 75 3.22 -17.31 -19.09
CA CYS A 75 4.03 -17.31 -20.34
C CYS A 75 3.12 -17.49 -21.56
N ILE A 76 2.19 -18.44 -21.48
CA ILE A 76 1.22 -18.76 -22.58
C ILE A 76 0.29 -17.57 -22.79
N THR A 77 -0.31 -17.05 -21.71
CA THR A 77 -1.27 -15.91 -21.72
C THR A 77 -0.68 -14.73 -22.49
N MET A 78 0.62 -14.45 -22.30
CA MET A 78 1.35 -13.35 -22.97
C MET A 78 1.40 -13.59 -24.48
N ALA A 79 1.90 -14.76 -24.89
CA ALA A 79 2.10 -15.16 -26.31
C ALA A 79 0.76 -15.17 -27.05
N TYR A 80 -0.34 -15.51 -26.37
CA TYR A 80 -1.72 -15.51 -26.93
C TYR A 80 -2.15 -14.07 -27.25
N VAL A 81 -2.03 -13.17 -26.27
CA VAL A 81 -2.55 -11.77 -26.34
C VAL A 81 -1.74 -10.96 -27.36
N TRP A 82 -0.44 -11.26 -27.52
CA TRP A 82 0.50 -10.46 -28.35
C TRP A 82 0.81 -11.17 -29.68
N GLY A 83 0.72 -12.49 -29.73
CA GLY A 83 0.97 -13.29 -30.95
C GLY A 83 2.42 -13.24 -31.36
N LYS A 84 2.70 -12.82 -32.60
CA LYS A 84 4.07 -12.60 -33.13
C LYS A 84 4.60 -11.26 -32.62
N GLY A 85 3.71 -10.39 -32.13
CA GLY A 85 4.06 -9.10 -31.51
C GLY A 85 4.21 -8.01 -32.56
N HIS A 86 3.17 -7.78 -33.36
CA HIS A 86 3.14 -6.80 -34.48
C HIS A 86 1.86 -5.96 -34.46
N GLY A 87 1.18 -5.88 -33.30
CA GLY A 87 -0.12 -5.19 -33.17
C GLY A 87 -1.29 -6.14 -33.38
N ASP A 88 -1.03 -7.37 -33.82
CA ASP A 88 -2.03 -8.48 -33.86
C ASP A 88 -2.26 -8.95 -32.42
N VAL A 89 -3.34 -8.48 -31.78
CA VAL A 89 -3.63 -8.73 -30.34
C VAL A 89 -4.99 -9.40 -30.18
N ARG A 90 -5.20 -10.06 -29.04
CA ARG A 90 -6.49 -10.65 -28.61
C ARG A 90 -7.03 -9.83 -27.43
N LYS A 91 -8.29 -9.41 -27.53
CA LYS A 91 -8.96 -8.48 -26.58
C LYS A 91 -9.67 -9.31 -25.50
N VAL A 92 -9.58 -10.63 -25.60
CA VAL A 92 -10.35 -11.61 -24.77
C VAL A 92 -9.51 -12.89 -24.63
N LEU A 93 -9.45 -13.46 -23.42
CA LEU A 93 -8.73 -14.72 -23.12
C LEU A 93 -9.76 -15.85 -23.00
N PRO A 94 -9.51 -17.03 -23.62
CA PRO A 94 -10.46 -18.15 -23.57
C PRO A 94 -10.72 -18.63 -22.14
N ARG A 95 -11.96 -18.99 -21.83
CA ARG A 95 -12.39 -19.44 -20.47
C ARG A 95 -11.72 -20.78 -20.12
N ASN A 96 -11.18 -21.49 -21.11
CA ASN A 96 -10.48 -22.79 -20.95
C ASN A 96 -9.16 -22.59 -20.19
N ILE A 97 -8.46 -21.47 -20.44
CA ILE A 97 -7.16 -21.13 -19.81
C ILE A 97 -7.34 -20.01 -18.77
N ALA A 98 -8.33 -19.13 -18.96
CA ALA A 98 -8.57 -17.91 -18.14
C ALA A 98 -8.96 -18.31 -16.71
N VAL A 99 -9.93 -19.21 -16.55
CA VAL A 99 -10.51 -19.63 -15.24
C VAL A 99 -9.43 -20.28 -14.38
N PRO A 100 -8.73 -21.35 -14.85
CA PRO A 100 -7.64 -21.94 -14.06
C PRO A 100 -6.55 -20.95 -13.65
N TYR A 101 -6.18 -20.00 -14.53
CA TYR A 101 -5.14 -18.98 -14.25
C TYR A 101 -5.66 -17.96 -13.22
N CYS A 102 -6.93 -17.56 -13.34
CA CYS A 102 -7.61 -16.59 -12.44
C CYS A 102 -7.81 -17.20 -11.05
N GLN A 103 -8.07 -18.51 -10.97
CA GLN A 103 -8.27 -19.25 -9.70
C GLN A 103 -6.91 -19.46 -9.02
N LEU A 104 -5.92 -19.95 -9.77
CA LEU A 104 -4.53 -20.19 -9.32
C LEU A 104 -3.89 -18.88 -8.87
N SER A 105 -4.17 -17.79 -9.59
CA SER A 105 -3.69 -16.42 -9.27
C SER A 105 -4.34 -15.93 -7.97
N LYS A 106 -5.66 -16.09 -7.84
CA LYS A 106 -6.45 -15.77 -6.61
C LYS A 106 -5.91 -16.59 -5.44
N LYS A 107 -5.46 -17.82 -5.72
CA LYS A 107 -4.92 -18.79 -4.73
C LYS A 107 -3.62 -18.24 -4.11
N LEU A 108 -2.63 -17.92 -4.96
CA LEU A 108 -1.29 -17.44 -4.55
C LEU A 108 -1.34 -15.94 -4.20
N GLU A 109 -2.47 -15.28 -4.49
CA GLU A 109 -2.73 -13.84 -4.22
C GLU A 109 -1.90 -12.96 -5.16
N LEU A 110 -1.29 -13.56 -6.19
CA LEU A 110 -0.66 -12.84 -7.34
C LEU A 110 -1.73 -12.58 -8.39
N PRO A 111 -1.62 -11.49 -9.19
CA PRO A 111 -2.63 -11.18 -10.21
C PRO A 111 -2.56 -12.10 -11.43
N PRO A 112 -3.63 -12.18 -12.25
CA PRO A 112 -3.65 -13.09 -13.41
C PRO A 112 -2.89 -12.47 -14.60
N ILE A 113 -1.56 -12.46 -14.51
CA ILE A 113 -0.62 -11.92 -15.53
C ILE A 113 0.81 -12.29 -15.11
N LEU A 114 1.68 -12.57 -16.07
CA LEU A 114 3.11 -12.92 -15.83
C LEU A 114 3.77 -11.75 -15.08
N VAL A 115 4.31 -12.01 -13.88
CA VAL A 115 5.00 -11.01 -13.03
C VAL A 115 6.47 -11.43 -12.88
N TYR A 116 7.28 -10.55 -12.29
CA TYR A 116 8.72 -10.75 -12.01
C TYR A 116 8.92 -12.05 -11.23
N ALA A 117 8.04 -12.33 -10.27
CA ALA A 117 8.05 -13.52 -9.39
C ALA A 117 7.93 -14.80 -10.22
N ASP A 118 7.25 -14.73 -11.38
CA ASP A 118 7.05 -15.87 -12.31
C ASP A 118 8.29 -16.03 -13.20
N CYS A 119 8.59 -15.02 -14.01
CA CYS A 119 9.49 -15.12 -15.19
C CYS A 119 10.97 -14.86 -14.84
N VAL A 120 11.28 -14.58 -13.57
CA VAL A 120 12.68 -14.39 -13.07
C VAL A 120 12.92 -15.32 -11.87
N LEU A 121 12.08 -15.24 -10.84
CA LEU A 121 12.30 -15.89 -9.52
C LEU A 121 11.98 -17.39 -9.59
N ALA A 122 11.04 -17.82 -10.45
CA ALA A 122 10.62 -19.22 -10.62
C ALA A 122 11.13 -19.80 -11.95
N ASN A 123 11.56 -18.94 -12.88
CA ASN A 123 11.94 -19.32 -14.27
C ASN A 123 13.46 -19.47 -14.35
N TRP A 124 14.01 -20.47 -13.64
CA TRP A 124 15.48 -20.76 -13.65
C TRP A 124 15.75 -22.18 -13.16
N LYS A 125 16.97 -22.67 -13.44
CA LYS A 125 17.49 -24.00 -13.00
C LYS A 125 19.02 -23.98 -13.04
N LYS A 126 19.66 -24.84 -12.23
CA LYS A 126 21.09 -25.19 -12.37
C LYS A 126 21.22 -26.32 -13.40
N LYS A 127 22.16 -26.19 -14.35
CA LYS A 127 22.48 -27.25 -15.33
C LYS A 127 23.19 -28.40 -14.60
N ASP A 128 24.34 -28.10 -13.99
CA ASP A 128 25.13 -29.03 -13.13
C ASP A 128 24.93 -28.61 -11.68
N PRO A 129 24.14 -29.36 -10.87
CA PRO A 129 23.85 -28.96 -9.49
C PRO A 129 25.04 -28.96 -8.53
N ASN A 130 26.24 -29.28 -9.01
CA ASN A 130 27.49 -29.30 -8.21
C ASN A 130 28.24 -27.97 -8.37
N LYS A 131 28.33 -27.45 -9.60
CA LYS A 131 28.95 -26.13 -9.91
C LYS A 131 28.01 -25.02 -9.47
N PRO A 132 28.52 -23.83 -9.06
CA PRO A 132 27.72 -22.83 -8.34
C PRO A 132 26.75 -22.04 -9.23
N LEU A 133 26.07 -21.05 -8.64
CA LEU A 133 25.08 -20.15 -9.30
C LEU A 133 25.81 -19.07 -10.08
N THR A 134 25.96 -19.26 -11.40
CA THR A 134 26.62 -18.32 -12.34
C THR A 134 26.06 -18.58 -13.75
N TYR A 135 25.94 -17.52 -14.57
CA TYR A 135 25.33 -17.54 -15.93
C TYR A 135 25.82 -18.75 -16.71
N GLU A 136 27.10 -19.08 -16.55
CA GLU A 136 27.78 -20.30 -17.10
C GLU A 136 26.91 -21.53 -16.85
N ASN A 137 26.52 -21.75 -15.59
CA ASN A 137 25.89 -22.99 -15.07
C ASN A 137 24.41 -22.75 -14.73
N MET A 138 23.71 -21.92 -15.51
CA MET A 138 22.27 -21.59 -15.28
C MET A 138 21.55 -21.41 -16.62
N ASP A 139 20.24 -21.67 -16.63
CA ASP A 139 19.35 -21.52 -17.80
C ASP A 139 17.91 -21.27 -17.31
N VAL A 140 17.17 -20.41 -18.01
CA VAL A 140 15.72 -20.16 -17.79
C VAL A 140 14.95 -21.42 -18.20
N LEU A 141 13.74 -21.63 -17.65
CA LEU A 141 12.86 -22.76 -17.99
C LEU A 141 12.08 -22.46 -19.27
N PHE A 142 11.88 -21.18 -19.60
CA PHE A 142 10.98 -20.72 -20.69
C PHE A 142 11.53 -19.46 -21.39
N SER A 143 11.14 -19.29 -22.65
CA SER A 143 11.40 -18.10 -23.50
C SER A 143 10.12 -17.76 -24.28
N PHE A 144 10.19 -16.75 -25.16
CA PHE A 144 9.08 -16.32 -26.03
C PHE A 144 9.43 -16.63 -27.50
N ARG A 145 10.60 -16.17 -27.95
CA ARG A 145 11.20 -16.53 -29.26
C ARG A 145 12.64 -16.98 -29.05
N ASP A 146 13.34 -17.28 -30.15
CA ASP A 146 14.83 -17.40 -30.20
C ASP A 146 15.39 -16.02 -30.57
N GLY A 147 16.44 -15.58 -29.88
CA GLY A 147 17.07 -14.25 -30.08
C GLY A 147 16.22 -13.13 -29.52
N ASP A 148 15.35 -13.43 -28.55
CA ASP A 148 14.61 -12.43 -27.74
C ASP A 148 15.52 -11.93 -26.61
N CYS A 149 16.62 -12.66 -26.35
CA CYS A 149 17.60 -12.39 -25.26
C CYS A 149 16.88 -12.41 -23.92
N SER A 150 15.95 -13.36 -23.75
CA SER A 150 15.15 -13.57 -22.51
C SER A 150 16.03 -14.24 -21.45
N LYS A 151 16.94 -15.13 -21.85
CA LYS A 151 17.90 -15.81 -20.94
C LYS A 151 18.73 -14.74 -20.24
N GLY A 152 19.33 -13.82 -21.00
CA GLY A 152 20.18 -12.73 -20.50
C GLY A 152 19.46 -11.88 -19.46
N PHE A 153 18.31 -11.31 -19.81
CA PHE A 153 17.52 -10.38 -18.95
C PHE A 153 17.07 -11.10 -17.69
N PHE A 154 16.40 -12.25 -17.84
CA PHE A 154 15.76 -13.01 -16.73
C PHE A 154 16.81 -13.53 -15.74
N LEU A 155 18.00 -13.90 -16.22
CA LEU A 155 19.05 -14.55 -15.37
C LEU A 155 19.94 -13.50 -14.69
N VAL A 156 20.33 -12.43 -15.40
CA VAL A 156 21.15 -11.32 -14.82
C VAL A 156 20.33 -10.63 -13.72
N SER A 157 19.02 -10.49 -13.94
CA SER A 157 18.03 -10.02 -12.93
C SER A 157 18.08 -10.94 -11.70
N LEU A 158 18.00 -12.25 -11.91
CA LEU A 158 17.99 -13.28 -10.84
C LEU A 158 19.33 -13.25 -10.09
N LEU A 159 20.44 -13.10 -10.79
CA LEU A 159 21.81 -13.07 -10.21
C LEU A 159 21.96 -11.85 -9.29
N VAL A 160 21.24 -10.76 -9.58
CA VAL A 160 21.21 -9.52 -8.73
C VAL A 160 20.38 -9.82 -7.47
N GLU A 161 19.24 -10.50 -7.63
CA GLU A 161 18.40 -11.00 -6.50
C GLU A 161 19.26 -11.84 -5.56
N ILE A 162 20.16 -12.67 -6.13
CA ILE A 162 21.04 -13.61 -5.38
C ILE A 162 22.15 -12.82 -4.69
N ALA A 163 22.74 -11.82 -5.37
CA ALA A 163 23.76 -10.91 -4.80
C ALA A 163 23.20 -10.21 -3.57
N ALA A 164 21.92 -9.83 -3.62
CA ALA A 164 21.19 -9.10 -2.56
C ALA A 164 20.96 -10.03 -1.34
N ALA A 165 20.86 -11.34 -1.56
CA ALA A 165 20.62 -12.36 -0.51
C ALA A 165 21.70 -12.26 0.57
N SER A 166 22.95 -11.96 0.18
CA SER A 166 24.13 -11.81 1.09
C SER A 166 23.89 -10.68 2.09
N ALA A 167 23.14 -9.64 1.70
CA ALA A 167 22.81 -8.46 2.52
C ALA A 167 21.51 -8.69 3.29
N ILE A 168 20.50 -9.28 2.64
CA ILE A 168 19.12 -9.48 3.20
C ILE A 168 19.18 -10.35 4.46
N LYS A 169 20.09 -11.32 4.53
CA LYS A 169 20.21 -12.28 5.66
C LYS A 169 20.85 -11.61 6.88
N VAL A 170 21.49 -10.44 6.70
CA VAL A 170 22.15 -9.64 7.78
C VAL A 170 21.08 -8.84 8.54
N ILE A 171 19.95 -8.54 7.91
CA ILE A 171 18.90 -7.60 8.41
C ILE A 171 18.51 -7.92 9.85
N PRO A 172 18.24 -9.19 10.21
CA PRO A 172 17.84 -9.52 11.59
C PRO A 172 18.90 -9.15 12.65
N THR A 173 20.19 -9.24 12.30
CA THR A 173 21.33 -8.80 13.16
C THR A 173 21.19 -7.31 13.47
N VAL A 174 20.74 -6.51 12.49
CA VAL A 174 20.59 -5.03 12.58
C VAL A 174 19.57 -4.71 13.69
N PHE A 175 18.43 -5.42 13.71
CA PHE A 175 17.32 -5.17 14.65
C PHE A 175 17.64 -5.76 16.03
N LYS A 176 18.20 -6.98 16.07
CA LYS A 176 18.73 -7.60 17.33
C LYS A 176 19.68 -6.59 18.01
N ALA A 177 20.68 -6.11 17.27
CA ALA A 177 21.77 -5.23 17.76
C ALA A 177 21.20 -3.92 18.34
N MET A 178 20.24 -3.30 17.64
CA MET A 178 19.62 -2.00 18.03
C MET A 178 18.93 -2.15 19.38
N GLN A 179 18.03 -3.14 19.50
CA GLN A 179 17.26 -3.45 20.73
C GLN A 179 18.21 -3.80 21.88
N MET A 180 19.24 -4.61 21.59
CA MET A 180 20.25 -5.09 22.58
C MET A 180 21.33 -4.02 22.78
N GLN A 181 21.09 -2.79 22.30
CA GLN A 181 22.03 -1.63 22.41
C GLN A 181 23.47 -2.13 22.22
N GLU A 182 23.71 -2.90 21.15
CA GLU A 182 25.04 -3.44 20.78
C GLU A 182 25.56 -2.65 19.58
N ARG A 183 26.24 -1.53 19.84
CA ARG A 183 26.77 -0.58 18.81
C ARG A 183 27.72 -1.31 17.87
N ASP A 184 28.70 -2.04 18.41
CA ASP A 184 29.79 -2.69 17.64
C ASP A 184 29.22 -3.71 16.65
N THR A 185 28.23 -4.50 17.09
CA THR A 185 27.53 -5.50 16.25
C THR A 185 26.85 -4.80 15.07
N LEU A 186 26.15 -3.69 15.35
CA LEU A 186 25.36 -2.92 14.34
C LEU A 186 26.29 -2.37 13.26
N LEU A 187 27.42 -1.77 13.66
CA LEU A 187 28.39 -1.12 12.72
C LEU A 187 28.86 -2.15 11.69
N LYS A 188 29.25 -3.35 12.14
CA LYS A 188 29.72 -4.46 11.27
C LYS A 188 28.60 -4.85 10.29
N ALA A 189 27.37 -5.04 10.81
CA ALA A 189 26.18 -5.49 10.05
C ALA A 189 25.83 -4.46 8.97
N LEU A 190 25.96 -3.15 9.28
CA LEU A 190 25.71 -2.05 8.32
C LEU A 190 26.85 -1.99 7.30
N LEU A 191 28.10 -2.15 7.75
CA LEU A 191 29.29 -2.22 6.85
C LEU A 191 29.21 -3.47 5.97
N GLU A 192 28.67 -4.58 6.50
CA GLU A 192 28.52 -5.88 5.79
C GLU A 192 27.47 -5.73 4.68
N ILE A 193 26.33 -5.10 4.99
CA ILE A 193 25.22 -4.83 4.03
C ILE A 193 25.76 -3.99 2.87
N ALA A 194 26.43 -2.87 3.19
CA ALA A 194 27.09 -1.96 2.21
C ALA A 194 27.95 -2.79 1.25
N SER A 195 28.85 -3.61 1.81
CA SER A 195 29.84 -4.45 1.08
C SER A 195 29.13 -5.40 0.10
N CYS A 196 27.99 -5.96 0.49
CA CYS A 196 27.19 -6.93 -0.31
C CYS A 196 26.42 -6.22 -1.41
N LEU A 197 25.95 -4.99 -1.15
CA LEU A 197 25.25 -4.14 -2.16
C LEU A 197 26.26 -3.60 -3.18
N GLU A 198 27.53 -3.44 -2.76
CA GLU A 198 28.65 -3.02 -3.65
C GLU A 198 28.99 -4.15 -4.63
N LYS A 199 28.92 -5.40 -4.17
CA LYS A 199 29.13 -6.62 -5.00
C LYS A 199 28.01 -6.73 -6.04
N ALA A 200 26.76 -6.49 -5.62
CA ALA A 200 25.53 -6.58 -6.44
C ALA A 200 25.64 -5.64 -7.67
N LEU A 201 26.46 -4.58 -7.58
CA LEU A 201 26.67 -3.59 -8.68
C LEU A 201 27.47 -4.23 -9.81
N GLN A 202 28.50 -5.03 -9.49
CA GLN A 202 29.37 -5.71 -10.50
C GLN A 202 28.55 -6.75 -11.25
N VAL A 203 27.71 -7.50 -10.52
CA VAL A 203 26.72 -8.49 -11.07
C VAL A 203 25.87 -7.80 -12.14
N PHE A 204 25.56 -6.51 -11.95
CA PHE A 204 24.72 -5.68 -12.85
C PHE A 204 25.43 -5.49 -14.20
N HIS A 205 26.75 -5.35 -14.20
CA HIS A 205 27.59 -5.15 -15.42
C HIS A 205 27.35 -6.27 -16.43
N GLN A 206 27.14 -7.50 -15.96
CA GLN A 206 26.99 -8.73 -16.77
C GLN A 206 25.90 -8.55 -17.83
N ILE A 207 24.94 -7.64 -17.61
CA ILE A 207 23.79 -7.38 -18.53
C ILE A 207 24.30 -6.99 -19.93
N HIS A 208 25.42 -6.27 -19.99
CA HIS A 208 26.08 -5.83 -21.27
C HIS A 208 26.57 -7.05 -22.04
N ASP A 209 27.01 -8.09 -21.33
CA ASP A 209 27.65 -9.31 -21.93
C ASP A 209 26.59 -10.21 -22.56
N HIS A 210 25.40 -10.34 -21.95
CA HIS A 210 24.42 -11.41 -22.25
C HIS A 210 23.10 -10.88 -22.83
N VAL A 211 22.94 -9.55 -23.00
CA VAL A 211 21.68 -8.93 -23.50
C VAL A 211 22.00 -7.93 -24.63
N ASN A 212 21.27 -8.03 -25.75
CA ASN A 212 21.40 -7.15 -26.94
C ASN A 212 20.30 -6.09 -26.90
N PRO A 213 20.65 -4.78 -26.93
CA PRO A 213 19.66 -3.70 -26.93
C PRO A 213 18.51 -3.82 -27.95
N LYS A 214 18.85 -3.92 -29.25
CA LYS A 214 17.86 -3.93 -30.37
C LYS A 214 16.89 -5.11 -30.20
N ALA A 215 17.43 -6.31 -29.95
CA ALA A 215 16.67 -7.56 -29.73
C ALA A 215 15.75 -7.39 -28.52
N PHE A 216 16.32 -7.00 -27.37
CA PHE A 216 15.59 -6.78 -26.09
C PHE A 216 14.37 -5.88 -26.34
N PHE A 217 14.61 -4.68 -26.87
CA PHE A 217 13.63 -3.57 -26.98
C PHE A 217 12.48 -3.95 -27.92
N SER A 218 12.80 -4.54 -29.07
CA SER A 218 11.85 -4.84 -30.17
C SER A 218 11.09 -6.15 -29.89
N VAL A 219 11.75 -7.15 -29.30
CA VAL A 219 11.23 -8.55 -29.16
C VAL A 219 10.65 -8.75 -27.76
N LEU A 220 11.50 -8.94 -26.74
CA LEU A 220 11.11 -9.42 -25.39
C LEU A 220 10.19 -8.42 -24.69
N ARG A 221 10.48 -7.12 -24.83
CA ARG A 221 9.79 -6.00 -24.13
C ARG A 221 8.28 -6.03 -24.42
N ILE A 222 7.87 -6.54 -25.59
CA ILE A 222 6.46 -6.48 -26.09
C ILE A 222 5.66 -7.64 -25.47
N TYR A 223 6.31 -8.76 -25.15
CA TYR A 223 5.68 -9.94 -24.49
C TYR A 223 5.55 -9.67 -22.99
N LEU A 224 6.55 -9.01 -22.41
CA LEU A 224 6.55 -8.57 -20.98
C LEU A 224 5.58 -7.40 -20.79
N SER A 225 5.14 -6.77 -21.89
CA SER A 225 4.14 -5.67 -21.91
C SER A 225 2.82 -6.17 -21.30
N GLY A 226 2.16 -5.32 -20.50
CA GLY A 226 0.88 -5.62 -19.83
C GLY A 226 -0.28 -4.88 -20.47
N TRP A 227 -1.39 -4.73 -19.74
CA TRP A 227 -2.62 -4.04 -20.22
C TRP A 227 -3.20 -3.15 -19.13
N LYS A 228 -2.37 -2.28 -18.54
CA LYS A 228 -2.79 -1.08 -17.78
C LYS A 228 -2.32 0.16 -18.56
N GLY A 229 -3.25 1.05 -18.92
CA GLY A 229 -2.99 2.27 -19.72
C GLY A 229 -2.27 1.96 -21.02
N ASN A 230 -2.64 0.85 -21.68
CA ASN A 230 -2.10 0.40 -22.99
C ASN A 230 -3.15 0.68 -24.06
N PRO A 231 -2.92 1.60 -25.02
CA PRO A 231 -3.91 1.91 -26.06
C PRO A 231 -4.22 0.73 -26.99
N GLN A 232 -3.32 -0.26 -27.09
CA GLN A 232 -3.55 -1.53 -27.83
C GLN A 232 -4.74 -2.27 -27.21
N LEU A 233 -4.85 -2.24 -25.88
CA LEU A 233 -6.00 -2.76 -25.09
C LEU A 233 -6.48 -1.67 -24.13
N SER A 234 -7.17 -0.65 -24.67
CA SER A 234 -7.53 0.62 -23.99
C SER A 234 -8.39 0.35 -22.74
N ASP A 235 -9.26 -0.67 -22.79
CA ASP A 235 -10.16 -1.05 -21.67
C ASP A 235 -9.66 -2.35 -21.02
N GLY A 236 -8.35 -2.65 -21.13
CA GLY A 236 -7.73 -3.86 -20.54
C GLY A 236 -8.09 -5.12 -21.30
N LEU A 237 -8.07 -6.27 -20.62
CA LEU A 237 -8.38 -7.60 -21.20
C LEU A 237 -9.51 -8.25 -20.39
N VAL A 238 -10.43 -8.97 -21.07
CA VAL A 238 -11.57 -9.69 -20.43
C VAL A 238 -11.17 -11.16 -20.25
N TYR A 239 -11.21 -11.63 -18.99
CA TYR A 239 -11.00 -13.05 -18.59
C TYR A 239 -12.35 -13.76 -18.66
N GLU A 240 -12.60 -14.46 -19.78
CA GLU A 240 -13.92 -15.02 -20.16
C GLU A 240 -14.42 -15.97 -19.06
N GLY A 241 -15.63 -15.69 -18.53
CA GLY A 241 -16.34 -16.56 -17.58
C GLY A 241 -15.98 -16.27 -16.13
N PHE A 242 -14.81 -15.67 -15.87
CA PHE A 242 -14.32 -15.36 -14.50
C PHE A 242 -14.79 -13.96 -14.10
N TRP A 243 -14.41 -12.94 -14.89
CA TRP A 243 -14.77 -11.52 -14.63
C TRP A 243 -15.81 -11.05 -15.66
N GLU A 244 -16.87 -10.42 -15.15
CA GLU A 244 -17.98 -9.78 -15.90
C GLU A 244 -17.40 -9.02 -17.11
N ASP A 245 -16.54 -8.03 -16.86
CA ASP A 245 -15.96 -7.13 -17.89
C ASP A 245 -14.45 -7.08 -17.75
N PRO A 246 -13.72 -6.54 -18.76
CA PRO A 246 -12.25 -6.48 -18.74
C PRO A 246 -11.61 -5.88 -17.48
N LYS A 247 -10.36 -6.30 -17.20
CA LYS A 247 -9.53 -5.85 -16.06
C LYS A 247 -8.16 -5.40 -16.57
N GLU A 248 -7.57 -4.39 -15.93
CA GLU A 248 -6.23 -3.83 -16.28
C GLU A 248 -5.19 -4.31 -15.26
N PHE A 249 -4.07 -4.85 -15.76
CA PHE A 249 -2.92 -5.34 -14.96
C PHE A 249 -1.61 -5.01 -15.69
N ALA A 250 -0.64 -4.47 -14.97
CA ALA A 250 0.66 -4.00 -15.50
C ALA A 250 1.57 -5.19 -15.82
N GLY A 251 2.53 -4.98 -16.73
CA GLY A 251 3.41 -6.03 -17.28
C GLY A 251 4.48 -6.49 -16.30
N GLY A 252 5.33 -7.43 -16.73
CA GLY A 252 6.34 -8.10 -15.90
C GLY A 252 7.67 -7.39 -15.92
N SER A 253 7.75 -6.20 -15.31
CA SER A 253 8.98 -5.40 -15.14
C SER A 253 9.80 -5.94 -13.97
N ALA A 254 11.10 -5.63 -13.94
CA ALA A 254 12.00 -5.88 -12.79
C ALA A 254 11.69 -4.89 -11.66
N GLY A 255 10.82 -3.90 -11.93
CA GLY A 255 10.29 -2.95 -10.93
C GLY A 255 9.33 -3.60 -9.95
N GLN A 256 9.02 -4.89 -10.14
CA GLN A 256 8.23 -5.72 -9.20
C GLN A 256 9.17 -6.43 -8.22
N SER A 257 10.48 -6.16 -8.31
CA SER A 257 11.53 -6.70 -7.41
C SER A 257 11.35 -6.13 -6.00
N SER A 258 11.56 -6.97 -4.98
CA SER A 258 11.51 -6.61 -3.53
C SER A 258 12.88 -6.16 -3.04
N VAL A 259 13.95 -6.43 -3.81
CA VAL A 259 15.38 -6.18 -3.44
C VAL A 259 15.55 -4.71 -3.04
N PHE A 260 15.28 -3.79 -3.98
CA PHE A 260 15.52 -2.33 -3.84
C PHE A 260 14.59 -1.74 -2.79
N GLN A 261 13.32 -2.18 -2.80
CA GLN A 261 12.26 -1.69 -1.89
C GLN A 261 12.56 -2.15 -0.45
N CYS A 262 13.15 -3.35 -0.31
CA CYS A 262 13.57 -3.95 0.98
C CYS A 262 14.54 -3.01 1.73
N PHE A 263 15.54 -2.48 1.02
CA PHE A 263 16.66 -1.69 1.60
C PHE A 263 16.27 -0.20 1.70
N ASP A 264 15.27 0.24 0.94
CA ASP A 264 14.64 1.57 1.11
C ASP A 264 13.96 1.64 2.48
N VAL A 265 13.22 0.58 2.84
CA VAL A 265 12.47 0.48 4.13
C VAL A 265 13.46 0.34 5.28
N LEU A 266 14.44 -0.56 5.15
CA LEU A 266 15.48 -0.84 6.18
C LEU A 266 16.16 0.48 6.60
N LEU A 267 16.61 1.27 5.62
CA LEU A 267 17.43 2.50 5.83
C LEU A 267 16.52 3.70 6.11
N GLY A 268 15.20 3.52 6.13
CA GLY A 268 14.22 4.57 6.47
C GLY A 268 14.09 5.61 5.36
N ILE A 269 14.48 5.26 4.12
CA ILE A 269 14.27 6.09 2.90
C ILE A 269 12.79 6.05 2.57
N GLN A 270 12.04 7.12 2.89
CA GLN A 270 10.58 7.20 2.68
C GLN A 270 10.30 7.45 1.19
N GLN A 271 10.39 6.38 0.38
CA GLN A 271 10.07 6.37 -1.07
C GLN A 271 8.57 6.55 -1.27
N THR A 272 7.78 5.73 -0.57
CA THR A 272 6.29 5.63 -0.72
C THR A 272 5.61 6.68 0.17
N ALA A 273 6.21 7.86 0.31
CA ALA A 273 5.66 9.04 1.03
C ALA A 273 5.70 10.26 0.11
N GLY A 274 4.89 11.28 0.43
CA GLY A 274 4.76 12.51 -0.37
C GLY A 274 3.55 12.48 -1.30
N GLY A 275 3.10 11.27 -1.66
CA GLY A 275 1.93 11.04 -2.53
C GLY A 275 2.17 11.51 -3.95
N GLY A 276 3.39 11.33 -4.47
CA GLY A 276 3.78 11.62 -5.86
C GLY A 276 3.37 10.47 -6.78
N HIS A 277 3.82 10.51 -8.04
CA HIS A 277 3.65 9.40 -9.02
C HIS A 277 4.62 8.27 -8.68
N ALA A 278 5.87 8.61 -8.37
CA ALA A 278 6.97 7.67 -8.00
C ALA A 278 6.52 6.81 -6.81
N ALA A 279 6.04 7.45 -5.75
CA ALA A 279 5.54 6.82 -4.50
C ALA A 279 4.36 5.90 -4.82
N GLN A 280 3.42 6.37 -5.64
CA GLN A 280 2.18 5.65 -6.02
C GLN A 280 2.52 4.42 -6.87
N PHE A 281 3.54 4.53 -7.73
CA PHE A 281 4.05 3.41 -8.58
C PHE A 281 4.60 2.30 -7.68
N LEU A 282 5.58 2.62 -6.85
CA LEU A 282 6.31 1.67 -5.98
C LEU A 282 5.34 0.99 -5.00
N GLN A 283 4.30 1.70 -4.55
CA GLN A 283 3.25 1.16 -3.65
C GLN A 283 2.39 0.13 -4.41
N ASP A 284 2.05 0.43 -5.68
CA ASP A 284 1.20 -0.42 -6.55
C ASP A 284 1.92 -1.75 -6.88
N MET A 285 3.24 -1.70 -7.06
CA MET A 285 4.08 -2.85 -7.52
C MET A 285 4.07 -3.98 -6.47
N ARG A 286 3.72 -3.68 -5.22
CA ARG A 286 3.66 -4.67 -4.10
C ARG A 286 2.50 -5.64 -4.32
N ARG A 287 1.46 -5.24 -5.09
CA ARG A 287 0.34 -6.13 -5.49
C ARG A 287 0.85 -7.24 -6.41
N TYR A 288 1.94 -6.98 -7.15
CA TYR A 288 2.55 -7.88 -8.16
C TYR A 288 3.68 -8.71 -7.52
N MET A 289 4.00 -8.44 -6.25
CA MET A 289 4.93 -9.26 -5.43
C MET A 289 4.14 -10.38 -4.75
N PRO A 290 4.74 -11.57 -4.51
CA PRO A 290 4.05 -12.63 -3.77
C PRO A 290 3.72 -12.16 -2.36
N PRO A 291 2.68 -12.74 -1.71
CA PRO A 291 2.13 -12.17 -0.48
C PRO A 291 3.10 -12.32 0.72
N ALA A 292 3.96 -13.34 0.69
CA ALA A 292 5.00 -13.62 1.70
C ALA A 292 6.00 -12.46 1.77
N HIS A 293 6.47 -11.99 0.60
CA HIS A 293 7.45 -10.88 0.44
C HIS A 293 6.79 -9.55 0.80
N ARG A 294 5.54 -9.38 0.34
CA ARG A 294 4.66 -8.23 0.65
C ARG A 294 4.55 -8.07 2.17
N ASN A 295 4.49 -9.19 2.90
CA ASN A 295 4.42 -9.23 4.39
C ASN A 295 5.80 -8.93 5.00
N PHE A 296 6.89 -9.30 4.31
CA PHE A 296 8.28 -9.08 4.77
C PHE A 296 8.57 -7.57 4.82
N LEU A 297 8.20 -6.84 3.76
CA LEU A 297 8.38 -5.37 3.64
C LEU A 297 7.51 -4.67 4.70
N CYS A 298 6.41 -5.30 5.11
CA CYS A 298 5.54 -4.90 6.25
C CYS A 298 6.35 -4.93 7.55
N SER A 299 6.96 -6.08 7.84
CA SER A 299 7.76 -6.37 9.06
C SER A 299 8.87 -5.32 9.20
N LEU A 300 9.60 -5.04 8.11
CA LEU A 300 10.67 -4.02 8.05
C LEU A 300 10.10 -2.65 8.44
N GLU A 301 8.94 -2.28 7.89
CA GLU A 301 8.26 -0.97 8.14
C GLU A 301 7.88 -0.84 9.62
N SER A 302 7.34 -1.91 10.21
CA SER A 302 6.77 -1.92 11.59
C SER A 302 7.88 -1.95 12.65
N ASN A 303 9.13 -2.24 12.25
CA ASN A 303 10.32 -2.24 13.15
C ASN A 303 10.74 -0.80 13.44
N PRO A 304 11.45 -0.54 14.55
CA PRO A 304 12.01 0.80 14.81
C PRO A 304 13.06 1.20 13.76
N SER A 305 13.18 2.51 13.52
CA SER A 305 13.97 3.11 12.42
C SER A 305 15.48 2.98 12.71
N VAL A 306 16.21 2.28 11.83
CA VAL A 306 17.71 2.23 11.81
C VAL A 306 18.22 3.66 11.66
N ARG A 307 17.56 4.47 10.82
CA ARG A 307 17.92 5.87 10.53
C ARG A 307 17.93 6.70 11.82
N GLU A 308 16.78 6.83 12.47
CA GLU A 308 16.56 7.72 13.63
C GLU A 308 17.38 7.22 14.83
N PHE A 309 17.67 5.91 14.89
CA PHE A 309 18.58 5.29 15.88
C PHE A 309 20.00 5.85 15.68
N VAL A 310 20.54 5.70 14.46
CA VAL A 310 21.93 6.08 14.08
C VAL A 310 22.17 7.56 14.39
N LEU A 311 21.19 8.43 14.08
CA LEU A 311 21.29 9.91 14.22
C LEU A 311 21.41 10.30 15.70
N SER A 312 20.77 9.53 16.60
CA SER A 312 20.69 9.81 18.06
C SER A 312 22.09 9.81 18.69
N LYS A 313 22.95 8.87 18.28
CA LYS A 313 24.12 8.39 19.06
C LYS A 313 25.33 9.31 18.90
N GLY A 314 25.29 10.27 17.96
CA GLY A 314 26.39 11.21 17.68
C GLY A 314 27.66 10.47 17.35
N ASP A 315 27.52 9.36 16.62
CA ASP A 315 28.59 8.37 16.30
C ASP A 315 28.93 8.49 14.81
N ALA A 316 30.14 8.95 14.48
CA ALA A 316 30.60 9.16 13.09
C ALA A 316 30.72 7.81 12.38
N GLY A 317 31.34 6.82 13.05
CA GLY A 317 31.50 5.45 12.51
C GLY A 317 30.17 4.82 12.10
N LEU A 318 29.15 4.97 12.93
CA LEU A 318 27.79 4.38 12.72
C LEU A 318 27.10 5.07 11.54
N ARG A 319 27.35 6.38 11.38
CA ARG A 319 26.79 7.21 10.28
C ARG A 319 27.44 6.83 8.95
N GLU A 320 28.76 6.66 8.94
CA GLU A 320 29.56 6.29 7.73
C GLU A 320 29.08 4.93 7.20
N ALA A 321 28.92 3.96 8.11
CA ALA A 321 28.43 2.59 7.82
C ALA A 321 27.01 2.67 7.24
N TYR A 322 26.15 3.53 7.81
CA TYR A 322 24.78 3.79 7.32
C TYR A 322 24.84 4.41 5.91
N ASP A 323 25.65 5.47 5.75
CA ASP A 323 25.85 6.17 4.46
C ASP A 323 26.29 5.17 3.38
N ALA A 324 27.27 4.32 3.70
CA ALA A 324 27.83 3.28 2.79
C ALA A 324 26.70 2.46 2.16
N CYS A 325 25.67 2.10 2.94
CA CYS A 325 24.47 1.35 2.50
C CYS A 325 23.63 2.22 1.55
N VAL A 326 23.48 3.51 1.86
CA VAL A 326 22.65 4.47 1.06
C VAL A 326 23.40 4.79 -0.25
N LYS A 327 24.73 4.98 -0.20
CA LYS A 327 25.57 5.23 -1.40
C LYS A 327 25.48 4.01 -2.34
N ALA A 328 25.69 2.81 -1.79
CA ALA A 328 25.57 1.52 -2.49
C ALA A 328 24.25 1.47 -3.27
N LEU A 329 23.16 1.93 -2.63
CA LEU A 329 21.78 1.87 -3.19
C LEU A 329 21.62 2.93 -4.29
N VAL A 330 22.24 4.11 -4.12
CA VAL A 330 22.29 5.19 -5.15
C VAL A 330 23.04 4.68 -6.38
N SER A 331 24.28 4.21 -6.17
CA SER A 331 25.18 3.66 -7.22
C SER A 331 24.43 2.68 -8.11
N LEU A 332 23.68 1.75 -7.50
CA LEU A 332 22.86 0.72 -8.21
C LEU A 332 21.79 1.41 -9.07
N ARG A 333 21.08 2.39 -8.51
CA ARG A 333 19.99 3.15 -9.20
C ARG A 333 20.60 4.02 -10.30
N SER A 334 21.75 4.66 -10.03
CA SER A 334 22.48 5.52 -10.99
C SER A 334 22.93 4.70 -12.20
N TYR A 335 23.42 3.48 -11.97
CA TYR A 335 23.88 2.54 -13.03
C TYR A 335 22.69 2.04 -13.83
N HIS A 336 21.56 1.80 -13.17
CA HIS A 336 20.29 1.31 -13.77
C HIS A 336 19.77 2.33 -14.78
N LEU A 337 19.96 3.63 -14.51
CA LEU A 337 19.60 4.74 -15.45
C LEU A 337 20.43 4.61 -16.73
N GLN A 338 21.73 4.31 -16.61
CA GLN A 338 22.66 4.11 -17.75
C GLN A 338 22.18 2.91 -18.59
N ILE A 339 21.73 1.84 -17.92
CA ILE A 339 21.18 0.61 -18.57
C ILE A 339 19.97 1.03 -19.43
N VAL A 340 19.02 1.76 -18.85
CA VAL A 340 17.74 2.16 -19.53
C VAL A 340 18.08 3.07 -20.72
N THR A 341 19.06 3.96 -20.57
CA THR A 341 19.59 4.83 -21.66
C THR A 341 19.97 3.96 -22.87
N LYS A 342 20.69 2.86 -22.63
CA LYS A 342 21.26 1.97 -23.67
C LYS A 342 20.19 1.04 -24.24
N TYR A 343 19.24 0.58 -23.40
CA TYR A 343 18.35 -0.56 -23.69
C TYR A 343 16.89 -0.13 -23.96
N ILE A 344 16.53 1.13 -23.67
CA ILE A 344 15.15 1.68 -23.93
C ILE A 344 15.26 2.92 -24.82
N LEU A 345 15.92 3.98 -24.33
CA LEU A 345 15.92 5.34 -24.96
C LEU A 345 16.47 5.26 -26.40
N ILE A 346 17.69 4.74 -26.57
CA ILE A 346 18.42 4.70 -27.87
C ILE A 346 17.65 3.84 -28.87
N PRO A 347 17.39 2.54 -28.58
CA PRO A 347 16.53 1.71 -29.42
C PRO A 347 15.22 2.38 -29.89
N ALA A 348 14.52 3.07 -28.97
CA ALA A 348 13.20 3.71 -29.21
C ALA A 348 13.35 4.88 -30.20
N SER A 349 14.55 5.46 -30.32
CA SER A 349 14.88 6.60 -31.22
C SER A 349 15.40 6.09 -32.57
N GLN A 350 15.78 4.81 -32.66
CA GLN A 350 16.39 4.20 -33.87
C GLN A 350 15.30 3.69 -34.83
N GLN A 351 14.22 3.12 -34.28
CA GLN A 351 13.14 2.46 -35.08
C GLN A 351 12.02 3.46 -35.38
N PRO A 352 11.43 3.45 -36.60
CA PRO A 352 10.26 4.27 -36.89
C PRO A 352 8.98 3.67 -36.29
N THR A 369 6.69 12.92 -25.20
CA THR A 369 7.74 12.89 -24.13
C THR A 369 7.45 11.72 -23.18
N GLY A 370 7.40 10.50 -23.71
CA GLY A 370 7.12 9.26 -22.95
C GLY A 370 8.36 8.73 -22.27
N GLY A 371 9.49 8.69 -22.99
CA GLY A 371 10.80 8.26 -22.47
C GLY A 371 11.46 9.33 -21.61
N THR A 372 10.99 10.58 -21.70
CA THR A 372 11.55 11.75 -20.98
C THR A 372 11.16 11.70 -19.50
N ASP A 373 9.93 11.25 -19.19
CA ASP A 373 9.39 11.23 -17.80
C ASP A 373 9.35 9.78 -17.27
N LEU A 374 9.84 8.81 -18.04
CA LEU A 374 10.33 7.51 -17.50
C LEU A 374 11.64 7.78 -16.74
N MET A 375 12.53 8.55 -17.37
CA MET A 375 13.85 8.97 -16.81
C MET A 375 13.64 9.86 -15.59
N ASN A 376 12.55 10.64 -15.55
CA ASN A 376 12.19 11.51 -14.40
C ASN A 376 11.73 10.65 -13.22
N PHE A 377 10.89 9.63 -13.49
CA PHE A 377 10.43 8.64 -12.47
C PHE A 377 11.65 8.03 -11.77
N LEU A 378 12.57 7.44 -12.55
CA LEU A 378 13.77 6.73 -12.04
C LEU A 378 14.69 7.72 -11.30
N LYS A 379 14.84 8.95 -11.83
CA LYS A 379 15.73 10.00 -11.24
C LYS A 379 15.12 10.53 -9.94
N THR A 380 13.78 10.64 -9.88
CA THR A 380 13.02 10.99 -8.64
C THR A 380 13.37 9.98 -7.54
N VAL A 381 13.20 8.68 -7.84
CA VAL A 381 13.41 7.55 -6.89
C VAL A 381 14.88 7.55 -6.44
N ARG A 382 15.83 7.77 -7.36
CA ARG A 382 17.29 7.84 -7.04
C ARG A 382 17.54 9.04 -6.12
N SER A 383 16.97 10.20 -6.43
CA SER A 383 17.18 11.49 -5.71
C SER A 383 16.66 11.38 -4.28
N THR A 384 15.47 10.77 -4.10
CA THR A 384 14.85 10.46 -2.79
C THR A 384 15.82 9.64 -1.94
N THR A 385 16.51 8.67 -2.56
CA THR A 385 17.52 7.79 -1.92
C THR A 385 18.74 8.64 -1.51
N GLU A 386 19.23 9.49 -2.41
CA GLU A 386 20.44 10.34 -2.21
C GLU A 386 20.21 11.34 -1.07
N LYS A 387 18.96 11.76 -0.84
CA LYS A 387 18.59 12.77 0.18
C LYS A 387 18.71 12.18 1.59
N SER A 388 18.68 10.86 1.73
CA SER A 388 18.77 10.13 3.03
C SER A 388 20.21 10.10 3.55
N LEU A 389 21.20 10.46 2.72
CA LEU A 389 22.64 10.54 3.13
C LEU A 389 22.77 11.55 4.27
N LEU A 390 23.47 11.16 5.35
CA LEU A 390 23.60 11.94 6.61
C LEU A 390 24.64 13.06 6.46
N LYS A 391 25.79 12.74 5.83
CA LYS A 391 26.94 13.66 5.65
C LYS A 391 27.47 14.16 7.00
N GLU A 392 27.53 13.28 8.01
CA GLU A 392 28.19 13.56 9.31
C GLU A 392 27.55 14.78 9.99
N GLY A 393 26.22 14.84 10.01
CA GLY A 393 25.45 15.97 10.59
C GLY A 393 24.12 15.52 11.17
N SER B 2 0.30 -4.70 20.97
CA SER B 2 -0.67 -3.56 20.90
C SER B 2 -0.12 -2.32 21.62
N LYS B 3 1.21 -2.13 21.62
CA LYS B 3 1.92 -1.01 22.31
C LYS B 3 2.80 -0.27 21.30
N GLU B 4 3.53 -1.01 20.45
CA GLU B 4 4.25 -0.46 19.27
C GLU B 4 3.22 -0.08 18.19
N TYR B 5 1.96 -0.50 18.35
CA TYR B 5 0.86 -0.30 17.38
C TYR B 5 -0.01 0.90 17.76
N HIS B 6 0.26 1.54 18.91
CA HIS B 6 -0.43 2.77 19.39
C HIS B 6 -1.94 2.54 19.43
N ILE B 7 -2.39 1.52 20.15
CA ILE B 7 -3.82 1.15 20.33
C ILE B 7 -4.12 1.05 21.83
N ASP B 8 -5.01 1.91 22.34
CA ASP B 8 -5.44 1.93 23.76
C ASP B 8 -6.52 0.85 23.94
N GLU B 9 -6.61 0.27 25.15
CA GLU B 9 -7.59 -0.80 25.48
C GLU B 9 -9.01 -0.19 25.54
N GLU B 10 -9.12 1.08 25.95
CA GLU B 10 -10.42 1.77 26.18
C GLU B 10 -10.90 2.40 24.87
N VAL B 11 -10.04 3.18 24.20
CA VAL B 11 -10.41 4.07 23.06
C VAL B 11 -9.79 3.57 21.74
N GLY B 12 -9.17 2.39 21.74
CA GLY B 12 -8.65 1.73 20.52
C GLY B 12 -7.75 2.64 19.72
N PHE B 13 -8.17 3.00 18.49
CA PHE B 13 -7.38 3.77 17.50
C PHE B 13 -7.34 5.26 17.89
N ALA B 14 -8.33 5.74 18.63
CA ALA B 14 -8.40 7.13 19.15
C ALA B 14 -7.21 7.41 20.06
N LEU B 15 -6.69 8.63 20.02
CA LEU B 15 -5.58 9.12 20.89
C LEU B 15 -6.11 9.29 22.32
N PRO B 16 -5.63 8.51 23.31
CA PRO B 16 -6.12 8.65 24.69
C PRO B 16 -5.73 10.00 25.32
N ASN B 17 -6.71 10.72 25.86
CA ASN B 17 -6.53 12.05 26.51
C ASN B 17 -5.66 12.94 25.61
N PRO B 18 -6.21 13.46 24.49
CA PRO B 18 -5.49 14.43 23.66
C PRO B 18 -5.09 15.69 24.45
N GLN B 19 -3.95 16.30 24.08
CA GLN B 19 -3.49 17.58 24.65
C GLN B 19 -4.46 18.69 24.21
N GLU B 20 -4.84 19.57 25.14
CA GLU B 20 -5.72 20.75 24.89
C GLU B 20 -4.86 21.94 24.47
N ASN B 21 -3.65 22.06 25.01
CA ASN B 21 -2.81 23.29 24.95
C ASN B 21 -1.42 22.95 24.40
N LEU B 22 -0.86 23.86 23.59
CA LEU B 22 0.56 23.83 23.11
C LEU B 22 1.41 24.69 24.03
N PRO B 23 2.74 24.49 24.06
CA PRO B 23 3.66 25.48 24.66
C PRO B 23 3.35 26.91 24.22
N ASP B 24 3.55 27.88 25.13
CA ASP B 24 3.20 29.33 24.95
C ASP B 24 3.86 29.88 23.68
N PHE B 25 5.00 29.32 23.26
CA PHE B 25 5.74 29.68 22.03
C PHE B 25 4.80 29.66 20.81
N TYR B 26 3.76 28.80 20.85
CA TYR B 26 2.83 28.52 19.72
C TYR B 26 1.46 29.16 19.97
N ASN B 27 1.39 30.24 20.77
CA ASN B 27 0.13 30.94 21.11
C ASN B 27 -0.47 31.61 19.86
N ASP B 28 0.38 31.97 18.89
CA ASP B 28 -0.05 32.64 17.63
C ASP B 28 -0.87 31.69 16.76
N TRP B 29 -0.49 30.39 16.73
CA TRP B 29 -1.26 29.32 16.06
C TRP B 29 -2.61 29.13 16.77
N MET B 30 -2.55 28.87 18.08
CA MET B 30 -3.71 28.45 18.92
C MET B 30 -4.83 29.48 18.84
N PHE B 31 -4.50 30.77 18.76
CA PHE B 31 -5.48 31.89 18.63
C PHE B 31 -6.33 31.67 17.37
N ILE B 32 -5.68 31.40 16.23
CA ILE B 32 -6.35 31.26 14.90
C ILE B 32 -7.21 29.99 14.91
N ALA B 33 -6.67 28.88 15.41
CA ALA B 33 -7.36 27.57 15.53
C ALA B 33 -8.61 27.72 16.39
N LYS B 34 -8.49 28.38 17.55
CA LYS B 34 -9.57 28.53 18.55
C LYS B 34 -10.70 29.40 17.98
N HIS B 35 -10.35 30.55 17.38
CA HIS B 35 -11.31 31.58 16.89
C HIS B 35 -11.47 31.49 15.37
N LEU B 36 -11.35 30.27 14.81
CA LEU B 36 -11.56 29.99 13.36
C LEU B 36 -12.92 30.51 12.88
N PRO B 37 -14.05 30.08 13.50
CA PRO B 37 -15.38 30.52 13.06
C PRO B 37 -15.56 32.04 13.18
N ASP B 38 -14.95 32.65 14.21
CA ASP B 38 -15.00 34.10 14.49
C ASP B 38 -14.20 34.85 13.40
N LEU B 39 -13.07 34.28 12.97
CA LEU B 39 -12.11 34.93 12.04
C LEU B 39 -12.55 34.75 10.58
N ILE B 40 -13.13 33.59 10.22
CA ILE B 40 -13.71 33.34 8.86
C ILE B 40 -14.88 34.30 8.66
N GLU B 41 -15.78 34.37 9.65
CA GLU B 41 -17.05 35.16 9.62
C GLU B 41 -16.75 36.62 9.29
N SER B 42 -15.69 37.19 9.91
CA SER B 42 -15.34 38.63 9.85
C SER B 42 -14.31 38.90 8.75
N GLY B 43 -13.94 37.88 7.96
CA GLY B 43 -12.97 37.99 6.86
C GLY B 43 -11.59 38.37 7.34
N GLN B 44 -11.21 37.93 8.55
CA GLN B 44 -9.92 38.24 9.21
C GLN B 44 -8.98 37.03 9.17
N LEU B 45 -9.49 35.86 8.78
CA LEU B 45 -8.77 34.56 8.89
C LEU B 45 -7.47 34.64 8.07
N ARG B 46 -7.58 34.89 6.76
CA ARG B 46 -6.45 34.87 5.80
C ARG B 46 -5.43 35.95 6.17
N GLU B 47 -5.91 37.16 6.47
CA GLU B 47 -5.08 38.33 6.89
C GLU B 47 -4.20 37.95 8.09
N ARG B 48 -4.77 37.25 9.07
CA ARG B 48 -4.09 36.87 10.35
C ARG B 48 -3.08 35.76 10.08
N VAL B 49 -3.43 34.81 9.21
CA VAL B 49 -2.57 33.65 8.81
C VAL B 49 -1.34 34.16 8.07
N GLU B 50 -1.50 35.18 7.21
CA GLU B 50 -0.42 35.78 6.39
C GLU B 50 0.55 36.56 7.29
N LYS B 51 0.04 37.23 8.31
CA LYS B 51 0.83 38.07 9.26
C LYS B 51 1.67 37.18 10.20
N LEU B 52 1.48 35.86 10.17
CA LEU B 52 2.20 34.88 11.05
C LEU B 52 3.71 34.95 10.78
N ASN B 53 4.50 34.70 11.83
CA ASN B 53 5.94 34.34 11.75
C ASN B 53 6.06 32.82 11.64
N MET B 54 6.97 32.33 10.79
CA MET B 54 7.33 30.89 10.72
C MET B 54 7.99 30.49 12.04
N LEU B 55 7.32 29.64 12.82
CA LEU B 55 7.85 29.09 14.11
C LEU B 55 8.46 27.71 13.83
N SER B 56 9.54 27.38 14.53
CA SER B 56 10.17 26.03 14.51
C SER B 56 9.29 25.04 15.27
N ILE B 57 9.26 23.78 14.84
CA ILE B 57 8.46 22.68 15.45
C ILE B 57 9.32 21.95 16.48
N ASP B 58 10.44 22.55 16.89
CA ASP B 58 11.49 21.90 17.72
C ASP B 58 11.07 21.91 19.20
N HIS B 59 10.12 22.78 19.58
CA HIS B 59 9.61 22.92 20.97
C HIS B 59 8.39 22.01 21.19
N LEU B 60 7.87 21.40 20.12
CA LEU B 60 6.81 20.35 20.18
C LEU B 60 7.49 19.04 20.61
N THR B 61 7.57 18.82 21.93
CA THR B 61 8.51 17.86 22.58
C THR B 61 7.97 16.42 22.44
N ASP B 62 6.73 16.16 22.86
CA ASP B 62 6.14 14.79 22.88
C ASP B 62 5.18 14.61 21.70
N HIS B 63 4.75 13.36 21.47
CA HIS B 63 3.88 12.91 20.35
C HIS B 63 2.51 13.59 20.45
N LYS B 64 1.89 13.58 21.64
CA LYS B 64 0.56 14.18 21.91
C LYS B 64 0.59 15.68 21.54
N SER B 65 1.72 16.35 21.79
CA SER B 65 1.94 17.78 21.46
C SER B 65 2.02 17.96 19.93
N GLN B 66 2.75 17.07 19.26
CA GLN B 66 2.91 17.06 17.77
C GLN B 66 1.55 16.83 17.12
N ARG B 67 0.72 15.96 17.69
CA ARG B 67 -0.65 15.61 17.20
C ARG B 67 -1.56 16.83 17.30
N LEU B 68 -1.57 17.51 18.45
CA LEU B 68 -2.39 18.74 18.68
C LEU B 68 -1.98 19.81 17.66
N ALA B 69 -0.67 20.08 17.54
CA ALA B 69 -0.08 21.04 16.58
C ALA B 69 -0.52 20.69 15.16
N ARG B 70 -0.52 19.39 14.81
CA ARG B 70 -0.91 18.89 13.47
C ARG B 70 -2.38 19.20 13.20
N LEU B 71 -3.23 19.12 14.25
CA LEU B 71 -4.68 19.44 14.20
C LEU B 71 -4.87 20.95 14.03
N VAL B 72 -4.21 21.73 14.89
CA VAL B 72 -4.21 23.24 14.87
C VAL B 72 -3.87 23.71 13.46
N LEU B 73 -2.71 23.29 12.94
CA LEU B 73 -2.21 23.66 11.59
C LEU B 73 -3.15 23.11 10.51
N GLY B 74 -3.63 21.87 10.68
CA GLY B 74 -4.57 21.19 9.77
C GLY B 74 -5.85 21.99 9.58
N CYS B 75 -6.47 22.41 10.70
CA CYS B 75 -7.71 23.22 10.73
C CYS B 75 -7.47 24.59 10.08
N ILE B 76 -6.39 25.28 10.49
CA ILE B 76 -5.96 26.61 9.97
C ILE B 76 -5.82 26.53 8.44
N THR B 77 -5.23 25.44 7.94
CA THR B 77 -4.94 25.22 6.50
C THR B 77 -6.27 25.13 5.72
N MET B 78 -7.15 24.23 6.12
CA MET B 78 -8.51 24.06 5.52
C MET B 78 -9.25 25.39 5.56
N ALA B 79 -9.20 26.08 6.71
CA ALA B 79 -9.79 27.41 6.95
C ALA B 79 -9.27 28.41 5.91
N TYR B 80 -7.95 28.49 5.74
CA TYR B 80 -7.27 29.44 4.82
C TYR B 80 -7.64 29.14 3.37
N VAL B 81 -7.46 27.89 2.94
CA VAL B 81 -7.67 27.44 1.53
C VAL B 81 -9.10 27.78 1.11
N TRP B 82 -10.10 27.19 1.76
CA TRP B 82 -11.54 27.28 1.41
C TRP B 82 -12.12 28.64 1.83
N GLY B 83 -11.55 29.27 2.86
CA GLY B 83 -11.95 30.60 3.36
C GLY B 83 -13.37 30.59 3.89
N LYS B 84 -14.29 31.24 3.18
CA LYS B 84 -15.71 31.41 3.60
C LYS B 84 -16.56 30.24 3.09
N GLY B 85 -15.99 29.38 2.25
CA GLY B 85 -16.68 28.20 1.66
C GLY B 85 -17.67 28.62 0.59
N HIS B 86 -17.43 29.75 -0.08
CA HIS B 86 -18.28 30.32 -1.17
C HIS B 86 -17.47 30.44 -2.47
N GLY B 87 -16.40 29.66 -2.60
CA GLY B 87 -15.60 29.53 -3.84
C GLY B 87 -14.43 30.50 -3.91
N ASP B 88 -14.23 31.33 -2.88
CA ASP B 88 -13.05 32.23 -2.76
C ASP B 88 -11.87 31.41 -2.22
N VAL B 89 -11.32 30.53 -3.07
CA VAL B 89 -10.29 29.52 -2.69
C VAL B 89 -8.91 30.20 -2.71
N ARG B 90 -7.90 29.55 -2.11
CA ARG B 90 -6.46 29.92 -2.21
C ARG B 90 -5.68 28.70 -2.70
N LYS B 91 -4.84 28.89 -3.73
CA LYS B 91 -4.11 27.80 -4.42
C LYS B 91 -2.66 27.71 -3.90
N VAL B 92 -2.31 28.55 -2.92
CA VAL B 92 -0.95 28.61 -2.30
C VAL B 92 -1.09 28.83 -0.79
N LEU B 93 -0.57 27.90 0.01
CA LEU B 93 -0.46 28.00 1.48
C LEU B 93 0.82 28.77 1.81
N PRO B 94 0.73 29.98 2.42
CA PRO B 94 1.92 30.74 2.82
C PRO B 94 2.98 29.88 3.53
N ARG B 95 4.27 30.20 3.32
CA ARG B 95 5.42 29.39 3.81
C ARG B 95 5.45 29.36 5.34
N ASN B 96 4.82 30.35 6.00
CA ASN B 96 4.90 30.57 7.47
C ASN B 96 4.14 29.45 8.22
N ILE B 97 3.14 28.81 7.60
CA ILE B 97 2.52 27.56 8.11
C ILE B 97 3.04 26.36 7.29
N ALA B 98 3.07 26.48 5.96
CA ALA B 98 3.34 25.39 5.01
C ALA B 98 4.60 24.62 5.42
N VAL B 99 5.67 25.33 5.79
CA VAL B 99 6.99 24.73 6.17
C VAL B 99 6.87 24.02 7.51
N PRO B 100 6.53 24.71 8.64
CA PRO B 100 6.32 24.02 9.91
C PRO B 100 5.28 22.88 9.84
N TYR B 101 4.25 23.02 9.00
CA TYR B 101 3.18 21.99 8.82
C TYR B 101 3.80 20.75 8.16
N CYS B 102 4.44 20.93 6.99
CA CYS B 102 5.04 19.84 6.18
C CYS B 102 6.18 19.17 6.96
N GLN B 103 6.95 19.93 7.74
CA GLN B 103 7.98 19.41 8.67
C GLN B 103 7.33 18.42 9.65
N LEU B 104 6.33 18.90 10.39
CA LEU B 104 5.57 18.14 11.42
C LEU B 104 4.88 16.94 10.76
N SER B 105 4.30 17.15 9.58
CA SER B 105 3.63 16.11 8.74
C SER B 105 4.61 14.98 8.44
N LYS B 106 5.78 15.30 7.89
CA LYS B 106 6.85 14.34 7.51
C LYS B 106 7.30 13.55 8.74
N LYS B 107 7.44 14.21 9.90
CA LYS B 107 7.95 13.61 11.16
C LYS B 107 6.95 12.56 11.68
N LEU B 108 5.65 12.82 11.55
CA LEU B 108 4.56 11.91 11.99
C LEU B 108 4.16 10.96 10.84
N GLU B 109 4.80 11.10 9.67
CA GLU B 109 4.62 10.24 8.47
C GLU B 109 3.19 10.37 7.95
N LEU B 110 2.60 11.56 8.03
CA LEU B 110 1.21 11.86 7.57
C LEU B 110 1.25 12.95 6.50
N PRO B 111 0.25 13.02 5.60
CA PRO B 111 0.13 14.13 4.65
C PRO B 111 -0.01 15.48 5.31
N PRO B 112 0.42 16.58 4.65
CA PRO B 112 0.15 17.94 5.15
C PRO B 112 -1.26 18.41 4.78
N ILE B 113 -2.27 17.71 5.29
CA ILE B 113 -3.73 18.03 5.14
C ILE B 113 -4.47 17.38 6.31
N LEU B 114 -5.61 17.94 6.70
CA LEU B 114 -6.44 17.45 7.84
C LEU B 114 -6.96 16.05 7.51
N VAL B 115 -6.58 15.05 8.30
CA VAL B 115 -7.03 13.63 8.17
C VAL B 115 -7.98 13.30 9.34
N TYR B 116 -8.64 12.15 9.26
CA TYR B 116 -9.52 11.57 10.30
C TYR B 116 -8.80 11.57 11.65
N ALA B 117 -7.56 11.05 11.65
CA ALA B 117 -6.68 10.91 12.85
C ALA B 117 -6.47 12.28 13.52
N ASP B 118 -6.59 13.39 12.77
CA ASP B 118 -6.52 14.77 13.31
C ASP B 118 -7.88 15.15 13.90
N CYS B 119 -8.89 15.33 13.04
CA CYS B 119 -10.16 16.05 13.34
C CYS B 119 -11.15 15.19 14.12
N VAL B 120 -10.87 13.89 14.31
CA VAL B 120 -11.74 12.96 15.09
C VAL B 120 -10.92 12.34 16.24
N LEU B 121 -9.87 11.58 15.91
CA LEU B 121 -9.15 10.71 16.87
C LEU B 121 -8.37 11.54 17.91
N ALA B 122 -7.97 12.77 17.57
CA ALA B 122 -7.13 13.65 18.43
C ALA B 122 -7.82 15.00 18.69
N ASN B 123 -9.09 15.13 18.32
CA ASN B 123 -9.87 16.39 18.40
C ASN B 123 -11.01 16.19 19.41
N TRP B 124 -10.68 15.92 20.68
CA TRP B 124 -11.68 15.70 21.76
C TRP B 124 -11.05 15.84 23.15
N LYS B 125 -11.91 16.10 24.14
CA LYS B 125 -11.62 16.04 25.59
C LYS B 125 -12.87 15.49 26.29
N LYS B 126 -12.76 15.14 27.58
CA LYS B 126 -13.92 14.84 28.46
C LYS B 126 -14.03 15.96 29.50
N LYS B 127 -15.24 16.51 29.65
CA LYS B 127 -15.55 17.71 30.47
C LYS B 127 -15.15 17.46 31.93
N ASP B 128 -15.38 16.24 32.43
CA ASP B 128 -15.10 15.81 33.82
C ASP B 128 -14.31 14.51 33.78
N PRO B 129 -12.99 14.52 34.09
CA PRO B 129 -12.17 13.31 34.05
C PRO B 129 -12.73 12.07 34.77
N ASN B 130 -13.46 12.27 35.89
CA ASN B 130 -14.04 11.19 36.71
C ASN B 130 -15.24 10.56 35.99
N LYS B 131 -16.04 11.38 35.30
CA LYS B 131 -17.21 10.93 34.48
C LYS B 131 -16.71 10.08 33.32
N PRO B 132 -17.58 9.23 32.69
CA PRO B 132 -17.14 8.31 31.65
C PRO B 132 -17.20 8.91 30.24
N LEU B 133 -16.79 8.13 29.23
CA LEU B 133 -16.75 8.54 27.79
C LEU B 133 -18.13 8.32 27.17
N THR B 134 -19.08 9.20 27.47
CA THR B 134 -20.40 9.33 26.80
C THR B 134 -20.44 10.71 26.13
N TYR B 135 -21.26 10.86 25.08
CA TYR B 135 -21.40 12.12 24.30
C TYR B 135 -21.53 13.31 25.25
N GLU B 136 -22.34 13.15 26.31
CA GLU B 136 -22.78 14.24 27.22
C GLU B 136 -21.59 14.79 28.00
N ASN B 137 -20.53 13.98 28.20
CA ASN B 137 -19.33 14.32 29.01
C ASN B 137 -18.15 14.66 28.09
N MET B 138 -18.36 14.80 26.78
CA MET B 138 -17.26 15.00 25.78
C MET B 138 -17.54 16.25 24.93
N ASP B 139 -16.47 16.91 24.49
CA ASP B 139 -16.49 18.07 23.56
C ASP B 139 -15.32 17.93 22.58
N VAL B 140 -15.37 18.65 21.44
CA VAL B 140 -14.28 18.73 20.43
C VAL B 140 -13.45 19.98 20.72
N LEU B 141 -12.15 19.95 20.40
CA LEU B 141 -11.21 21.07 20.66
C LEU B 141 -11.42 22.18 19.63
N PHE B 142 -11.73 21.83 18.37
CA PHE B 142 -11.76 22.77 17.22
C PHE B 142 -12.97 22.53 16.32
N SER B 143 -13.54 23.63 15.82
CA SER B 143 -14.65 23.69 14.83
C SER B 143 -14.30 24.71 13.75
N PHE B 144 -14.97 24.65 12.60
CA PHE B 144 -14.73 25.53 11.42
C PHE B 144 -15.67 26.74 11.48
N ARG B 145 -16.98 26.49 11.48
CA ARG B 145 -18.03 27.54 11.43
C ARG B 145 -19.06 27.30 12.56
N ASP B 146 -19.81 28.34 12.90
CA ASP B 146 -20.93 28.27 13.89
C ASP B 146 -22.10 27.50 13.25
N GLY B 147 -22.53 26.42 13.89
CA GLY B 147 -23.59 25.53 13.39
C GLY B 147 -23.15 24.77 12.14
N ASP B 148 -21.90 24.31 12.11
CA ASP B 148 -21.38 23.33 11.12
C ASP B 148 -21.75 21.92 11.60
N CYS B 149 -22.21 21.81 12.86
CA CYS B 149 -22.54 20.54 13.55
C CYS B 149 -21.33 19.60 13.50
N SER B 150 -20.12 20.16 13.63
CA SER B 150 -18.82 19.45 13.64
C SER B 150 -18.70 18.62 14.92
N LYS B 151 -19.12 19.19 16.06
CA LYS B 151 -19.13 18.50 17.38
C LYS B 151 -19.90 17.18 17.24
N GLY B 152 -21.07 17.21 16.60
CA GLY B 152 -21.93 16.05 16.34
C GLY B 152 -21.23 15.00 15.50
N PHE B 153 -20.72 15.38 14.32
CA PHE B 153 -20.08 14.46 13.34
C PHE B 153 -18.83 13.81 13.96
N PHE B 154 -17.96 14.62 14.58
CA PHE B 154 -16.63 14.18 15.09
C PHE B 154 -16.80 13.23 16.29
N LEU B 155 -17.64 13.58 17.27
CA LEU B 155 -17.75 12.82 18.54
C LEU B 155 -18.56 11.52 18.32
N VAL B 156 -19.57 11.53 17.45
CA VAL B 156 -20.31 10.29 17.06
C VAL B 156 -19.30 9.35 16.40
N SER B 157 -18.60 9.82 15.36
CA SER B 157 -17.48 9.13 14.67
C SER B 157 -16.50 8.56 15.71
N LEU B 158 -16.11 9.39 16.68
CA LEU B 158 -15.16 9.03 17.76
C LEU B 158 -15.77 7.94 18.67
N LEU B 159 -17.06 8.06 19.00
CA LEU B 159 -17.77 7.09 19.89
C LEU B 159 -17.93 5.75 19.19
N VAL B 160 -18.08 5.75 17.85
CA VAL B 160 -18.13 4.51 17.01
C VAL B 160 -16.75 3.85 17.07
N GLU B 161 -15.67 4.63 17.03
CA GLU B 161 -14.26 4.18 17.19
C GLU B 161 -14.09 3.46 18.53
N ILE B 162 -14.59 4.07 19.61
CA ILE B 162 -14.37 3.62 21.01
C ILE B 162 -15.20 2.35 21.26
N ALA B 163 -16.39 2.26 20.66
CA ALA B 163 -17.25 1.05 20.67
C ALA B 163 -16.46 -0.14 20.11
N ALA B 164 -15.77 0.06 18.98
CA ALA B 164 -14.98 -0.96 18.26
C ALA B 164 -13.78 -1.41 19.11
N ALA B 165 -13.22 -0.51 19.93
CA ALA B 165 -12.06 -0.77 20.83
C ALA B 165 -12.29 -2.04 21.64
N SER B 166 -13.52 -2.22 22.15
CA SER B 166 -13.98 -3.40 22.93
C SER B 166 -13.71 -4.70 22.17
N ALA B 167 -13.72 -4.64 20.82
CA ALA B 167 -13.47 -5.78 19.91
C ALA B 167 -11.98 -5.85 19.52
N ILE B 168 -11.31 -4.70 19.36
CA ILE B 168 -9.88 -4.61 18.91
C ILE B 168 -9.03 -5.43 19.89
N LYS B 169 -9.26 -5.28 21.19
CA LYS B 169 -8.43 -5.86 22.29
C LYS B 169 -8.59 -7.38 22.35
N VAL B 170 -9.58 -7.95 21.66
CA VAL B 170 -9.87 -9.41 21.62
C VAL B 170 -8.98 -10.09 20.56
N ILE B 171 -8.56 -9.34 19.53
CA ILE B 171 -7.90 -9.89 18.31
C ILE B 171 -6.72 -10.77 18.67
N PRO B 172 -5.84 -10.39 19.63
CA PRO B 172 -4.76 -11.28 20.09
C PRO B 172 -5.24 -12.67 20.55
N THR B 173 -6.29 -12.72 21.37
CA THR B 173 -6.93 -13.98 21.86
C THR B 173 -7.26 -14.89 20.68
N VAL B 174 -7.77 -14.31 19.59
CA VAL B 174 -8.23 -15.03 18.36
C VAL B 174 -7.07 -15.83 17.76
N PHE B 175 -5.90 -15.20 17.62
CA PHE B 175 -4.69 -15.77 16.95
C PHE B 175 -3.95 -16.71 17.91
N LYS B 176 -3.97 -16.41 19.21
CA LYS B 176 -3.45 -17.30 20.28
C LYS B 176 -4.25 -18.61 20.26
N ALA B 177 -5.59 -18.49 20.29
CA ALA B 177 -6.55 -19.62 20.28
C ALA B 177 -6.33 -20.50 19.03
N MET B 178 -6.13 -19.88 17.87
CA MET B 178 -5.93 -20.58 16.57
C MET B 178 -4.62 -21.38 16.61
N GLN B 179 -3.53 -20.75 17.06
CA GLN B 179 -2.18 -21.36 17.17
C GLN B 179 -2.21 -22.51 18.19
N MET B 180 -2.79 -22.26 19.37
CA MET B 180 -2.86 -23.24 20.50
C MET B 180 -3.89 -24.33 20.21
N GLN B 181 -4.63 -24.23 19.09
CA GLN B 181 -5.69 -25.18 18.68
C GLN B 181 -6.72 -25.29 19.81
N GLU B 182 -7.18 -24.13 20.31
CA GLU B 182 -8.16 -23.98 21.42
C GLU B 182 -9.50 -23.53 20.82
N ARG B 183 -10.36 -24.50 20.48
CA ARG B 183 -11.65 -24.28 19.75
C ARG B 183 -12.59 -23.41 20.60
N ASP B 184 -12.81 -23.80 21.86
CA ASP B 184 -13.77 -23.15 22.78
C ASP B 184 -13.37 -21.69 23.04
N THR B 185 -12.07 -21.44 23.22
CA THR B 185 -11.49 -20.09 23.48
C THR B 185 -11.78 -19.18 22.27
N LEU B 186 -11.48 -19.66 21.06
CA LEU B 186 -11.70 -18.93 19.78
C LEU B 186 -13.19 -18.57 19.65
N LEU B 187 -14.08 -19.53 19.90
CA LEU B 187 -15.56 -19.35 19.78
C LEU B 187 -15.99 -18.17 20.67
N LYS B 188 -15.62 -18.22 21.95
CA LYS B 188 -15.92 -17.18 22.96
C LYS B 188 -15.44 -15.81 22.45
N ALA B 189 -14.27 -15.77 21.82
CA ALA B 189 -13.61 -14.55 21.30
C ALA B 189 -14.39 -13.97 20.12
N LEU B 190 -14.80 -14.81 19.16
CA LEU B 190 -15.55 -14.39 17.94
C LEU B 190 -16.92 -13.82 18.36
N LEU B 191 -17.63 -14.52 19.25
CA LEU B 191 -18.97 -14.07 19.76
C LEU B 191 -18.83 -12.75 20.51
N GLU B 192 -17.70 -12.53 21.18
CA GLU B 192 -17.37 -11.28 21.93
C GLU B 192 -17.19 -10.12 20.93
N ILE B 193 -16.43 -10.34 19.85
CA ILE B 193 -16.18 -9.34 18.77
C ILE B 193 -17.52 -8.93 18.16
N ALA B 194 -18.30 -9.90 17.68
CA ALA B 194 -19.63 -9.71 17.05
C ALA B 194 -20.52 -8.89 17.99
N SER B 195 -20.46 -9.16 19.30
CA SER B 195 -21.25 -8.48 20.37
C SER B 195 -20.91 -6.99 20.40
N CYS B 196 -19.63 -6.63 20.22
CA CYS B 196 -19.12 -5.23 20.25
C CYS B 196 -19.48 -4.49 18.95
N LEU B 197 -19.34 -5.17 17.80
CA LEU B 197 -19.65 -4.62 16.46
C LEU B 197 -21.17 -4.43 16.32
N GLU B 198 -21.96 -5.15 17.12
CA GLU B 198 -23.43 -4.98 17.22
C GLU B 198 -23.74 -3.75 18.07
N LYS B 199 -22.94 -3.49 19.12
CA LYS B 199 -23.03 -2.30 19.99
C LYS B 199 -22.61 -1.04 19.21
N ALA B 200 -21.70 -1.20 18.24
CA ALA B 200 -21.17 -0.11 17.39
C ALA B 200 -22.30 0.55 16.61
N LEU B 201 -23.29 -0.24 16.16
CA LEU B 201 -24.47 0.23 15.39
C LEU B 201 -25.37 1.08 16.29
N GLN B 202 -25.57 0.65 17.55
CA GLN B 202 -26.42 1.35 18.55
C GLN B 202 -25.85 2.74 18.82
N VAL B 203 -24.52 2.86 18.86
CA VAL B 203 -23.80 4.15 19.04
C VAL B 203 -23.93 4.99 17.75
N PHE B 204 -23.95 4.32 16.59
CA PHE B 204 -24.05 4.96 15.24
C PHE B 204 -25.41 5.68 15.12
N HIS B 205 -26.47 5.14 15.73
CA HIS B 205 -27.83 5.72 15.74
C HIS B 205 -27.81 7.16 16.25
N GLN B 206 -26.86 7.49 17.15
CA GLN B 206 -26.73 8.80 17.83
C GLN B 206 -26.57 9.94 16.81
N ILE B 207 -26.10 9.65 15.60
CA ILE B 207 -25.76 10.68 14.56
C ILE B 207 -27.00 11.52 14.22
N HIS B 208 -28.18 10.88 14.19
CA HIS B 208 -29.48 11.52 13.85
C HIS B 208 -29.83 12.59 14.89
N ASP B 209 -29.43 12.39 16.14
CA ASP B 209 -29.79 13.27 17.29
C ASP B 209 -28.86 14.48 17.37
N HIS B 210 -27.70 14.46 16.70
CA HIS B 210 -26.59 15.42 16.91
C HIS B 210 -26.14 16.16 15.64
N VAL B 211 -26.60 15.74 14.44
CA VAL B 211 -26.15 16.31 13.14
C VAL B 211 -27.37 16.63 12.27
N ASN B 212 -27.46 17.88 11.79
CA ASN B 212 -28.52 18.38 10.86
C ASN B 212 -28.02 18.19 9.42
N PRO B 213 -28.78 17.52 8.53
CA PRO B 213 -28.31 17.22 7.17
C PRO B 213 -27.88 18.44 6.35
N LYS B 214 -28.67 19.53 6.37
CA LYS B 214 -28.42 20.77 5.58
C LYS B 214 -27.13 21.43 6.08
N ALA B 215 -27.03 21.67 7.40
CA ALA B 215 -25.85 22.26 8.06
C ALA B 215 -24.59 21.46 7.70
N PHE B 216 -24.65 20.14 7.80
CA PHE B 216 -23.52 19.22 7.48
C PHE B 216 -23.08 19.42 6.02
N PHE B 217 -23.98 19.16 5.08
CA PHE B 217 -23.69 19.05 3.62
C PHE B 217 -23.13 20.37 3.08
N SER B 218 -23.74 21.50 3.45
CA SER B 218 -23.45 22.84 2.89
C SER B 218 -22.26 23.50 3.61
N VAL B 219 -22.02 23.17 4.88
CA VAL B 219 -20.98 23.83 5.73
C VAL B 219 -19.78 22.89 5.92
N LEU B 220 -19.93 21.82 6.72
CA LEU B 220 -18.80 20.99 7.23
C LEU B 220 -18.10 20.28 6.06
N ARG B 221 -18.86 19.74 5.11
CA ARG B 221 -18.34 18.98 3.94
C ARG B 221 -17.34 19.85 3.16
N ILE B 222 -17.56 21.17 3.13
CA ILE B 222 -16.74 22.15 2.36
C ILE B 222 -15.33 22.24 2.96
N TYR B 223 -15.19 22.15 4.28
CA TYR B 223 -13.91 22.34 5.02
C TYR B 223 -13.14 21.01 5.16
N LEU B 224 -13.78 19.88 4.79
CA LEU B 224 -13.15 18.54 4.80
C LEU B 224 -12.80 18.11 3.37
N SER B 225 -13.27 18.86 2.37
CA SER B 225 -12.91 18.68 0.93
C SER B 225 -11.40 18.85 0.76
N GLY B 226 -10.75 17.98 -0.02
CA GLY B 226 -9.29 18.00 -0.27
C GLY B 226 -8.96 18.66 -1.59
N TRP B 227 -7.72 18.50 -2.05
CA TRP B 227 -7.20 19.04 -3.35
C TRP B 227 -6.56 17.91 -4.14
N LYS B 228 -7.36 16.88 -4.48
CA LYS B 228 -6.97 15.74 -5.35
C LYS B 228 -8.15 15.42 -6.28
N GLY B 229 -8.06 15.86 -7.54
CA GLY B 229 -9.16 15.79 -8.52
C GLY B 229 -10.30 16.72 -8.14
N ASN B 230 -10.00 17.80 -7.41
CA ASN B 230 -10.96 18.90 -7.07
C ASN B 230 -10.83 19.99 -8.13
N PRO B 231 -11.84 20.18 -9.02
CA PRO B 231 -11.78 21.22 -10.04
C PRO B 231 -11.39 22.63 -9.54
N GLN B 232 -11.70 22.95 -8.28
CA GLN B 232 -11.42 24.26 -7.64
C GLN B 232 -9.91 24.41 -7.39
N LEU B 233 -9.18 23.30 -7.33
CA LEU B 233 -7.69 23.25 -7.18
C LEU B 233 -7.14 22.10 -8.04
N SER B 234 -7.31 22.19 -9.37
CA SER B 234 -7.05 21.11 -10.35
C SER B 234 -5.61 20.58 -10.25
N ASP B 235 -4.62 21.49 -10.22
CA ASP B 235 -3.17 21.15 -10.20
C ASP B 235 -2.76 20.66 -8.80
N GLY B 236 -3.51 21.04 -7.76
CA GLY B 236 -3.23 20.73 -6.35
C GLY B 236 -3.14 22.00 -5.52
N LEU B 237 -2.24 22.02 -4.53
CA LEU B 237 -2.00 23.19 -3.63
C LEU B 237 -0.50 23.34 -3.38
N VAL B 238 0.02 24.57 -3.45
CA VAL B 238 1.46 24.91 -3.30
C VAL B 238 1.78 25.05 -1.81
N TYR B 239 2.61 24.14 -1.28
CA TYR B 239 3.21 24.25 0.08
C TYR B 239 4.46 25.14 -0.05
N GLU B 240 4.22 26.44 -0.11
CA GLU B 240 5.22 27.50 -0.43
C GLU B 240 6.45 27.34 0.48
N GLY B 241 7.65 27.31 -0.10
CA GLY B 241 8.94 27.31 0.62
C GLY B 241 9.36 25.91 1.06
N PHE B 242 8.49 24.90 0.91
CA PHE B 242 8.77 23.49 1.30
C PHE B 242 8.87 22.63 0.04
N TRP B 243 7.82 22.64 -0.79
CA TRP B 243 7.80 21.92 -2.10
C TRP B 243 7.68 22.91 -3.26
N GLU B 244 8.43 22.60 -4.31
CA GLU B 244 8.55 23.35 -5.59
C GLU B 244 7.17 23.48 -6.24
N ASP B 245 6.45 22.35 -6.38
CA ASP B 245 5.23 22.22 -7.22
C ASP B 245 4.00 21.96 -6.35
N PRO B 246 2.78 22.17 -6.89
CA PRO B 246 1.55 21.78 -6.21
C PRO B 246 1.43 20.27 -5.98
N LYS B 247 0.91 19.88 -4.81
CA LYS B 247 0.71 18.47 -4.38
C LYS B 247 -0.79 18.19 -4.28
N GLU B 248 -1.23 17.01 -4.74
CA GLU B 248 -2.63 16.52 -4.61
C GLU B 248 -2.72 15.62 -3.38
N PHE B 249 -3.74 15.83 -2.55
CA PHE B 249 -4.04 15.06 -1.31
C PHE B 249 -5.55 14.97 -1.09
N ALA B 250 -6.04 13.78 -0.71
CA ALA B 250 -7.46 13.50 -0.42
C ALA B 250 -7.87 14.19 0.88
N GLY B 251 -9.07 14.75 0.92
CA GLY B 251 -9.60 15.52 2.05
C GLY B 251 -10.01 14.63 3.22
N GLY B 252 -10.43 15.26 4.33
CA GLY B 252 -10.93 14.57 5.54
C GLY B 252 -12.09 13.64 5.22
N SER B 253 -12.12 12.48 5.87
CA SER B 253 -13.12 11.40 5.65
C SER B 253 -13.11 10.41 6.82
N ALA B 254 -14.30 9.99 7.28
CA ALA B 254 -14.48 8.86 8.22
C ALA B 254 -14.04 7.55 7.54
N GLY B 255 -13.83 7.59 6.22
CA GLY B 255 -13.32 6.46 5.41
C GLY B 255 -11.82 6.26 5.56
N GLN B 256 -11.14 7.15 6.28
CA GLN B 256 -9.70 7.00 6.65
C GLN B 256 -9.58 6.22 7.97
N SER B 257 -10.69 5.65 8.46
CA SER B 257 -10.77 4.90 9.74
C SER B 257 -10.18 3.51 9.56
N SER B 258 -9.32 3.09 10.51
CA SER B 258 -8.67 1.76 10.57
C SER B 258 -9.69 0.70 11.04
N VAL B 259 -10.73 1.12 11.75
CA VAL B 259 -11.75 0.25 12.42
C VAL B 259 -12.31 -0.77 11.41
N PHE B 260 -13.00 -0.28 10.38
CA PHE B 260 -13.74 -1.13 9.40
C PHE B 260 -12.75 -1.99 8.61
N GLN B 261 -11.58 -1.44 8.27
CA GLN B 261 -10.48 -2.14 7.54
C GLN B 261 -9.88 -3.22 8.45
N CYS B 262 -9.73 -2.93 9.74
CA CYS B 262 -9.16 -3.85 10.77
C CYS B 262 -9.86 -5.21 10.70
N PHE B 263 -11.18 -5.23 10.81
CA PHE B 263 -12.02 -6.45 10.92
C PHE B 263 -12.17 -7.11 9.54
N ASP B 264 -12.22 -6.32 8.46
CA ASP B 264 -12.16 -6.82 7.07
C ASP B 264 -11.01 -7.83 6.94
N VAL B 265 -9.84 -7.48 7.47
CA VAL B 265 -8.58 -8.27 7.37
C VAL B 265 -8.68 -9.51 8.27
N LEU B 266 -9.09 -9.33 9.53
CA LEU B 266 -9.26 -10.42 10.53
C LEU B 266 -10.27 -11.45 10.00
N LEU B 267 -11.43 -11.00 9.51
CA LEU B 267 -12.55 -11.86 9.07
C LEU B 267 -12.28 -12.45 7.67
N GLY B 268 -11.12 -12.18 7.08
CA GLY B 268 -10.69 -12.77 5.79
C GLY B 268 -11.49 -12.23 4.62
N ILE B 269 -11.94 -10.98 4.70
CA ILE B 269 -12.70 -10.26 3.63
C ILE B 269 -11.69 -9.57 2.71
N GLN B 270 -11.59 -10.01 1.46
CA GLN B 270 -10.59 -9.55 0.47
C GLN B 270 -11.04 -8.21 -0.12
N GLN B 271 -11.03 -7.15 0.70
CA GLN B 271 -11.45 -5.78 0.31
C GLN B 271 -10.42 -5.15 -0.63
N THR B 272 -9.13 -5.26 -0.27
CA THR B 272 -7.99 -4.58 -0.95
C THR B 272 -7.29 -5.55 -1.91
N ALA B 273 -7.97 -6.60 -2.35
CA ALA B 273 -7.47 -7.60 -3.33
C ALA B 273 -7.90 -7.18 -4.74
N GLY B 274 -7.20 -7.70 -5.76
CA GLY B 274 -7.40 -7.34 -7.18
C GLY B 274 -6.78 -5.99 -7.51
N GLY B 275 -7.07 -5.47 -8.70
CA GLY B 275 -6.61 -4.14 -9.17
C GLY B 275 -7.78 -3.20 -9.38
N GLY B 276 -8.81 -3.30 -8.53
CA GLY B 276 -10.13 -2.70 -8.74
C GLY B 276 -10.23 -1.30 -8.15
N HIS B 277 -11.30 -0.59 -8.56
CA HIS B 277 -11.77 0.74 -8.10
C HIS B 277 -11.80 0.82 -6.56
N ALA B 278 -12.65 0.01 -5.92
CA ALA B 278 -12.89 0.01 -4.45
C ALA B 278 -11.61 -0.38 -3.71
N ALA B 279 -10.89 -1.38 -4.24
CA ALA B 279 -9.63 -1.92 -3.69
C ALA B 279 -8.58 -0.80 -3.57
N GLN B 280 -8.40 -0.02 -4.65
CA GLN B 280 -7.38 1.06 -4.76
C GLN B 280 -7.62 2.11 -3.67
N PHE B 281 -8.86 2.58 -3.54
CA PHE B 281 -9.30 3.65 -2.59
C PHE B 281 -8.85 3.28 -1.16
N LEU B 282 -9.31 2.12 -0.68
CA LEU B 282 -9.10 1.62 0.70
C LEU B 282 -7.60 1.41 0.94
N GLN B 283 -6.86 0.96 -0.07
CA GLN B 283 -5.38 0.76 -0.01
C GLN B 283 -4.70 2.13 0.05
N ASP B 284 -5.26 3.14 -0.62
CA ASP B 284 -4.75 4.53 -0.64
C ASP B 284 -5.11 5.25 0.68
N MET B 285 -6.29 4.98 1.24
CA MET B 285 -6.77 5.62 2.50
C MET B 285 -5.83 5.24 3.66
N ARG B 286 -5.06 4.16 3.53
CA ARG B 286 -4.01 3.76 4.51
C ARG B 286 -2.86 4.77 4.51
N ARG B 287 -2.65 5.48 3.39
CA ARG B 287 -1.67 6.60 3.28
C ARG B 287 -1.96 7.65 4.37
N TYR B 288 -3.24 7.83 4.72
CA TYR B 288 -3.76 8.95 5.56
C TYR B 288 -3.94 8.52 7.02
N MET B 289 -3.63 7.26 7.36
CA MET B 289 -3.67 6.73 8.74
C MET B 289 -2.32 6.96 9.42
N PRO B 290 -2.25 7.08 10.76
CA PRO B 290 -0.97 7.11 11.46
C PRO B 290 -0.13 5.89 11.09
N PRO B 291 1.22 6.00 11.14
CA PRO B 291 2.09 4.91 10.67
C PRO B 291 1.92 3.61 11.48
N ALA B 292 1.74 3.74 12.80
CA ALA B 292 1.53 2.61 13.74
C ALA B 292 0.26 1.83 13.35
N HIS B 293 -0.76 2.53 12.85
CA HIS B 293 -2.08 1.94 12.45
C HIS B 293 -1.94 1.25 11.08
N ARG B 294 -1.20 1.83 10.14
CA ARG B 294 -0.81 1.19 8.86
C ARG B 294 -0.12 -0.15 9.17
N ASN B 295 0.86 -0.12 10.07
CA ASN B 295 1.67 -1.29 10.51
C ASN B 295 0.74 -2.39 11.02
N PHE B 296 -0.25 -2.03 11.84
CA PHE B 296 -1.21 -2.96 12.49
C PHE B 296 -2.04 -3.69 11.42
N LEU B 297 -2.80 -2.93 10.62
CA LEU B 297 -3.63 -3.45 9.50
C LEU B 297 -2.79 -4.41 8.65
N CYS B 298 -1.59 -3.95 8.28
CA CYS B 298 -0.63 -4.63 7.38
C CYS B 298 -0.09 -5.90 8.04
N SER B 299 0.28 -5.83 9.32
CA SER B 299 0.75 -6.98 10.16
C SER B 299 -0.36 -8.04 10.26
N LEU B 300 -1.59 -7.60 10.51
CA LEU B 300 -2.80 -8.46 10.61
C LEU B 300 -2.93 -9.34 9.37
N GLU B 301 -2.60 -8.79 8.19
CA GLU B 301 -2.66 -9.49 6.88
C GLU B 301 -1.65 -10.65 6.84
N SER B 302 -0.51 -10.51 7.54
CA SER B 302 0.60 -11.49 7.54
C SER B 302 0.32 -12.65 8.53
N ASN B 303 -0.76 -12.57 9.31
CA ASN B 303 -1.18 -13.63 10.26
C ASN B 303 -2.00 -14.69 9.52
N PRO B 304 -2.16 -15.91 10.08
CA PRO B 304 -2.91 -16.97 9.41
C PRO B 304 -4.42 -16.68 9.45
N SER B 305 -5.14 -17.07 8.40
CA SER B 305 -6.57 -16.68 8.15
C SER B 305 -7.50 -17.32 9.18
N VAL B 306 -8.35 -16.50 9.81
CA VAL B 306 -9.44 -16.94 10.73
C VAL B 306 -10.48 -17.70 9.89
N ARG B 307 -10.81 -17.18 8.71
CA ARG B 307 -11.80 -17.76 7.76
C ARG B 307 -11.43 -19.22 7.48
N GLU B 308 -10.22 -19.46 6.95
CA GLU B 308 -9.76 -20.78 6.45
C GLU B 308 -9.53 -21.76 7.61
N PHE B 309 -9.38 -21.26 8.84
CA PHE B 309 -9.31 -22.07 10.08
C PHE B 309 -10.70 -22.66 10.38
N VAL B 310 -11.75 -21.83 10.23
CA VAL B 310 -13.15 -22.13 10.68
C VAL B 310 -13.83 -23.06 9.67
N LEU B 311 -13.47 -22.97 8.37
CA LEU B 311 -14.05 -23.82 7.29
C LEU B 311 -13.52 -25.25 7.41
N SER B 312 -12.27 -25.43 7.81
CA SER B 312 -11.56 -26.74 7.89
C SER B 312 -12.18 -27.62 8.98
N LYS B 313 -12.87 -27.04 9.95
CA LYS B 313 -13.22 -27.68 11.25
C LYS B 313 -14.53 -28.48 11.15
N GLY B 314 -15.42 -28.14 10.22
CA GLY B 314 -16.78 -28.71 10.14
C GLY B 314 -17.55 -28.46 11.44
N ASP B 315 -17.36 -27.27 12.01
CA ASP B 315 -17.81 -26.88 13.37
C ASP B 315 -18.84 -25.75 13.23
N ALA B 316 -20.14 -26.07 13.41
CA ALA B 316 -21.29 -25.18 13.15
C ALA B 316 -21.30 -24.02 14.15
N GLY B 317 -21.04 -24.31 15.43
CA GLY B 317 -20.92 -23.29 16.51
C GLY B 317 -19.85 -22.26 16.18
N LEU B 318 -18.81 -22.67 15.46
CA LEU B 318 -17.67 -21.81 15.04
C LEU B 318 -18.08 -20.99 13.80
N ARG B 319 -18.59 -21.67 12.77
CA ARG B 319 -19.14 -21.04 11.53
C ARG B 319 -20.14 -19.94 11.90
N GLU B 320 -21.05 -20.25 12.82
CA GLU B 320 -22.18 -19.36 13.23
C GLU B 320 -21.62 -18.12 13.95
N ALA B 321 -20.59 -18.29 14.78
CA ALA B 321 -19.93 -17.21 15.54
C ALA B 321 -19.10 -16.32 14.60
N TYR B 322 -18.51 -16.91 13.56
CA TYR B 322 -17.74 -16.18 12.50
C TYR B 322 -18.70 -15.34 11.67
N ASP B 323 -19.83 -15.94 11.25
CA ASP B 323 -20.91 -15.27 10.47
C ASP B 323 -21.43 -14.07 11.25
N ALA B 324 -21.61 -14.22 12.58
CA ALA B 324 -22.10 -13.17 13.50
C ALA B 324 -21.27 -11.89 13.36
N CYS B 325 -19.94 -12.04 13.29
CA CYS B 325 -18.96 -10.92 13.11
C CYS B 325 -19.14 -10.30 11.73
N VAL B 326 -19.25 -11.13 10.69
CA VAL B 326 -19.41 -10.71 9.26
C VAL B 326 -20.77 -10.01 9.09
N LYS B 327 -21.79 -10.43 9.84
CA LYS B 327 -23.15 -9.81 9.84
C LYS B 327 -23.05 -8.37 10.34
N ALA B 328 -22.52 -8.19 11.55
CA ALA B 328 -22.39 -6.88 12.25
C ALA B 328 -21.70 -5.86 11.35
N LEU B 329 -20.74 -6.29 10.53
CA LEU B 329 -20.07 -5.44 9.50
C LEU B 329 -21.12 -5.00 8.47
N VAL B 330 -21.84 -5.96 7.87
CA VAL B 330 -22.87 -5.71 6.81
C VAL B 330 -23.93 -4.77 7.38
N SER B 331 -24.39 -5.04 8.61
CA SER B 331 -25.38 -4.22 9.37
C SER B 331 -24.88 -2.77 9.48
N LEU B 332 -23.60 -2.58 9.81
CA LEU B 332 -22.95 -1.26 9.96
C LEU B 332 -22.87 -0.57 8.59
N ARG B 333 -22.37 -1.28 7.58
CA ARG B 333 -22.18 -0.75 6.19
C ARG B 333 -23.55 -0.47 5.55
N SER B 334 -24.60 -1.20 5.95
CA SER B 334 -26.00 -1.02 5.48
C SER B 334 -26.58 0.26 6.08
N TYR B 335 -26.55 0.39 7.40
CA TYR B 335 -27.01 1.58 8.16
C TYR B 335 -26.19 2.81 7.74
N HIS B 336 -24.92 2.59 7.36
CA HIS B 336 -24.01 3.64 6.82
C HIS B 336 -24.53 4.13 5.46
N LEU B 337 -24.88 3.20 4.58
CA LEU B 337 -25.46 3.48 3.23
C LEU B 337 -26.78 4.24 3.40
N GLN B 338 -27.49 4.00 4.51
CA GLN B 338 -28.70 4.76 4.93
C GLN B 338 -28.31 6.18 5.36
N ILE B 339 -27.36 6.30 6.29
CA ILE B 339 -26.84 7.60 6.82
C ILE B 339 -26.45 8.47 5.62
N VAL B 340 -25.60 7.94 4.74
CA VAL B 340 -25.10 8.61 3.51
C VAL B 340 -26.29 9.19 2.72
N THR B 341 -27.34 8.40 2.52
CA THR B 341 -28.57 8.75 1.75
C THR B 341 -29.20 10.02 2.33
N LYS B 342 -29.30 10.10 3.67
CA LYS B 342 -29.95 11.23 4.38
C LYS B 342 -29.06 12.49 4.29
N TYR B 343 -27.73 12.34 4.31
CA TYR B 343 -26.76 13.42 4.59
C TYR B 343 -25.97 13.85 3.34
N ILE B 344 -26.20 13.22 2.17
CA ILE B 344 -25.50 13.60 0.90
C ILE B 344 -26.50 13.66 -0.27
N LEU B 345 -27.29 12.60 -0.50
CA LEU B 345 -28.11 12.46 -1.73
C LEU B 345 -29.38 13.32 -1.65
N ILE B 346 -30.01 13.41 -0.46
CA ILE B 346 -31.18 14.32 -0.23
C ILE B 346 -30.72 15.75 -0.47
N PRO B 347 -29.67 16.26 0.21
CA PRO B 347 -29.18 17.62 -0.03
C PRO B 347 -28.54 17.90 -1.40
N ALA B 348 -28.07 16.87 -2.11
CA ALA B 348 -27.41 17.00 -3.43
C ALA B 348 -28.43 17.42 -4.49
N SER B 349 -29.58 16.74 -4.53
CA SER B 349 -30.72 17.02 -5.45
C SER B 349 -31.48 18.27 -4.98
N GLN B 350 -31.69 18.41 -3.67
CA GLN B 350 -32.45 19.52 -3.03
C GLN B 350 -31.75 20.87 -3.30
N GLN B 351 -30.44 20.87 -3.50
CA GLN B 351 -29.64 22.10 -3.78
C GLN B 351 -29.75 22.46 -5.27
N PRO B 352 -29.71 23.77 -5.61
CA PRO B 352 -29.75 24.21 -7.01
C PRO B 352 -28.36 24.20 -7.66
N GLY B 371 -25.08 9.70 -5.56
CA GLY B 371 -23.67 10.09 -5.74
C GLY B 371 -23.07 9.39 -6.95
N THR B 372 -21.76 9.53 -7.16
CA THR B 372 -21.03 8.92 -8.31
C THR B 372 -20.21 7.70 -7.83
N ASP B 373 -19.05 7.92 -7.20
CA ASP B 373 -18.25 6.83 -6.57
C ASP B 373 -19.12 6.26 -5.44
N LEU B 374 -19.81 7.15 -4.72
CA LEU B 374 -20.77 6.84 -3.64
C LEU B 374 -21.90 5.95 -4.17
N MET B 375 -22.52 5.18 -3.27
CA MET B 375 -23.52 4.13 -3.56
C MET B 375 -22.83 2.98 -4.30
N ASN B 376 -22.19 3.24 -5.45
CA ASN B 376 -21.49 2.18 -6.23
C ASN B 376 -20.24 1.71 -5.46
N PHE B 377 -19.47 2.62 -4.85
CA PHE B 377 -18.28 2.27 -4.01
C PHE B 377 -18.75 1.60 -2.72
N LEU B 378 -19.73 2.20 -2.03
CA LEU B 378 -20.25 1.72 -0.72
C LEU B 378 -21.00 0.39 -0.91
N LYS B 379 -21.82 0.28 -1.96
CA LYS B 379 -22.56 -0.96 -2.31
C LYS B 379 -21.55 -2.04 -2.74
N THR B 380 -20.47 -1.65 -3.43
CA THR B 380 -19.40 -2.57 -3.93
C THR B 380 -18.65 -3.18 -2.74
N VAL B 381 -18.47 -2.43 -1.65
CA VAL B 381 -17.74 -2.89 -0.42
C VAL B 381 -18.68 -3.74 0.43
N ARG B 382 -19.86 -3.20 0.80
CA ARG B 382 -20.92 -3.93 1.54
C ARG B 382 -21.15 -5.29 0.87
N SER B 383 -21.10 -5.32 -0.47
CA SER B 383 -21.24 -6.54 -1.32
C SER B 383 -20.12 -7.53 -1.02
N THR B 384 -18.85 -7.11 -1.21
CA THR B 384 -17.63 -7.93 -1.00
C THR B 384 -17.65 -8.54 0.41
N THR B 385 -18.28 -7.86 1.37
CA THR B 385 -18.46 -8.31 2.77
C THR B 385 -19.50 -9.45 2.82
N GLU B 386 -20.62 -9.32 2.09
CA GLU B 386 -21.70 -10.34 2.01
C GLU B 386 -21.13 -11.67 1.52
N LYS B 387 -20.20 -11.64 0.55
CA LYS B 387 -19.60 -12.83 -0.11
C LYS B 387 -18.80 -13.67 0.89
N SER B 388 -18.39 -13.09 2.02
CA SER B 388 -17.59 -13.76 3.08
C SER B 388 -18.50 -14.55 4.04
N LEU B 389 -19.82 -14.46 3.89
CA LEU B 389 -20.80 -15.27 4.67
C LEU B 389 -20.66 -16.74 4.27
N LEU B 390 -21.03 -17.65 5.18
CA LEU B 390 -20.86 -19.13 5.02
C LEU B 390 -22.22 -19.81 4.85
N LYS B 391 -23.17 -19.14 4.19
CA LYS B 391 -24.55 -19.65 3.93
C LYS B 391 -25.17 -18.87 2.76
CHA HEM C . 12.45 -0.21 -12.97
CHB HEM C . 14.14 -1.08 -17.40
CHC HEM C . 17.33 -4.25 -15.59
CHD HEM C . 15.54 -3.45 -11.15
C1A HEM C . 12.66 -0.19 -14.33
C2A HEM C . 11.94 0.64 -15.23
C3A HEM C . 12.42 0.40 -16.48
C4A HEM C . 13.42 -0.58 -16.35
CMA HEM C . 11.99 1.02 -17.79
CAA HEM C . 10.86 1.61 -14.85
CBA HEM C . 9.66 0.89 -14.21
CGA HEM C . 8.77 0.24 -15.24
O1A HEM C . 8.77 0.63 -16.43
O2A HEM C . 8.02 -0.70 -14.90
C1B HEM C . 15.16 -2.02 -17.25
C2B HEM C . 15.89 -2.46 -18.38
C3B HEM C . 16.81 -3.37 -17.90
C4B HEM C . 16.58 -3.43 -16.42
CMB HEM C . 15.69 -2.01 -19.80
CAB HEM C . 17.81 -4.15 -18.64
CBB HEM C . 17.97 -4.16 -19.96
C1C HEM C . 17.12 -4.33 -14.22
C2C HEM C . 17.75 -5.25 -13.35
C3C HEM C . 17.26 -5.01 -12.08
C4C HEM C . 16.29 -3.97 -12.18
CMC HEM C . 18.80 -6.27 -13.71
CAC HEM C . 17.65 -5.86 -10.92
CBC HEM C . 16.87 -6.01 -9.85
C1D HEM C . 14.55 -2.48 -11.32
C2D HEM C . 13.79 -1.94 -10.18
C3D HEM C . 12.94 -1.02 -10.68
C4D HEM C . 13.18 -1.03 -12.14
CMD HEM C . 13.93 -2.30 -8.72
CAD HEM C . 11.93 -0.21 -9.91
CBD HEM C . 12.27 1.27 -9.72
CGD HEM C . 13.29 1.50 -8.63
O1D HEM C . 14.32 2.15 -8.86
O2D HEM C . 13.09 1.03 -7.48
NA HEM C . 13.56 -0.93 -15.04
NB HEM C . 15.58 -2.60 -16.11
NC HEM C . 16.23 -3.59 -13.50
ND HEM C . 14.14 -1.91 -12.46
FE HEM C . 14.78 -2.23 -14.19
N TRP D . 5.40 -2.43 -16.87
CA TRP D . 5.27 -2.15 -18.33
C TRP D . 3.81 -2.34 -18.77
O TRP D . 3.48 -3.10 -19.68
CB TRP D . 6.23 -3.02 -19.15
CG TRP D . 7.66 -2.55 -19.10
CD1 TRP D . 8.11 -1.26 -19.16
CD2 TRP D . 8.84 -3.37 -19.02
NE1 TRP D . 9.48 -1.23 -19.11
CE2 TRP D . 9.95 -2.51 -19.03
CE3 TRP D . 9.07 -4.75 -18.94
CZ2 TRP D . 11.26 -2.97 -18.94
CZ3 TRP D . 10.37 -5.22 -18.86
CH2 TRP D . 11.45 -4.33 -18.87
OXT TRP D . 2.90 -1.72 -18.21
C CMO E . 9.01 1.18 -21.35
O CMO E . 8.21 0.50 -21.78
CHA HEM F . -16.91 6.12 3.67
CHB HEM F . -20.16 9.63 4.34
CHC HEM F . -20.27 8.68 9.11
CHD HEM F . -17.24 5.01 8.37
C1A HEM F . -17.76 7.18 3.46
C2A HEM F . -17.90 7.88 2.24
C3A HEM F . -18.83 8.86 2.45
C4A HEM F . -19.26 8.77 3.78
CMA HEM F . -19.37 9.90 1.51
CAA HEM F . -17.18 7.57 0.94
CBA HEM F . -15.66 7.81 1.05
CGA HEM F . -15.30 9.23 0.72
O1A HEM F . -15.54 9.70 -0.42
O2A HEM F . -14.73 9.95 1.57
C1B HEM F . -20.44 9.67 5.70
C2B HEM F . -21.33 10.62 6.26
C3B HEM F . -21.37 10.37 7.60
C4B HEM F . -20.47 9.22 7.84
CMB HEM F . -22.07 11.69 5.50
CAB HEM F . -22.13 11.06 8.66
CBB HEM F . -22.95 12.10 8.50
C1C HEM F . -19.44 7.59 9.33
C2C HEM F . -19.07 7.09 10.59
C3C HEM F . -18.22 6.02 10.37
C4C HEM F . -18.05 5.92 8.96
CMC HEM F . -19.57 7.60 11.92
CAC HEM F . -17.42 5.20 11.31
CBC HEM F . -17.03 5.77 12.48
C1D HEM F . -16.91 5.06 7.03
C2D HEM F . -15.94 4.11 6.47
C3D HEM F . -15.85 4.41 5.17
C4D HEM F . -16.76 5.55 4.94
CMD HEM F . -15.20 3.01 7.21
CAD HEM F . -14.99 3.72 4.14
CBD HEM F . -15.81 2.72 3.34
CGD HEM F . -16.04 1.44 4.12
O1D HEM F . -15.08 0.76 4.53
O2D HEM F . -17.21 1.07 4.37
NA HEM F . -18.59 7.76 4.40
NB HEM F . -19.95 8.85 6.65
NC HEM F . -18.80 6.89 8.36
ND HEM F . -17.35 5.90 6.08
FE HEM F . -18.60 7.27 6.32
N TRP G . -12.49 12.95 0.50
CA TRP G . -13.36 13.94 -0.22
C TRP G . -12.48 14.90 -1.03
O TRP G . -11.33 14.61 -1.34
CB TRP G . -14.28 14.67 0.76
CG TRP G . -15.37 13.81 1.34
CD1 TRP G . -15.94 12.73 0.75
CD2 TRP G . -16.02 13.97 2.61
NE1 TRP G . -16.90 12.19 1.57
CE2 TRP G . -16.96 12.93 2.71
CE3 TRP G . -15.89 14.86 3.68
CZ2 TRP G . -17.78 12.78 3.83
CZ3 TRP G . -16.70 14.72 4.78
CH2 TRP G . -17.64 13.69 4.86
OXT TRP G . -12.91 15.99 -1.41
C CMO H . -18.18 13.69 -1.38
O CMO H . -18.63 14.26 -0.52
#